data_1HXS
#
_entry.id   1HXS
#
_cell.length_a   320.50
_cell.length_b   355.25
_cell.length_c   377.25
_cell.angle_alpha   90.0
_cell.angle_beta   90.0
_cell.angle_gamma   90.0
#
_symmetry.space_group_name_H-M   'P 21 21 2'
#
loop_
_entity.id
_entity.type
_entity.pdbx_description
1 polymer 'GENOME POLYPROTEIN, COAT PROTEIN VP1'
2 polymer 'GENOME POLYPROTEIN, COAT PROTEIN VP2'
3 polymer 'GENOME POLYPROTEIN, COAT PROTEIN VP3'
4 polymer 'GENOME POLYPROTEIN, COAT PROTEIN VP4'
5 non-polymer 'PALMITIC ACID'
6 non-polymer 'MYRISTIC ACID'
7 water water
#
loop_
_entity_poly.entity_id
_entity_poly.type
_entity_poly.pdbx_seq_one_letter_code
_entity_poly.pdbx_strand_id
1 'polypeptide(L)'
;GLGQMGSSSTDNTVRETVGAATSRDALPNTEASGPTHSKEIPALTAVETGATNPLVPSDTVQTRHVVQHRSRSESSIESF
FARGACVTIMTVDNPASTTNKDKLFAVWKITYKDTVQLRRKLEFFTYSRFDMELTFVVTANFTETNNGHALNQVYQIMYV
PPGAPVPEKWDDYTWQTSSNPSIFYTYGTAPARISVPYVGISNAYSHFYDGFSKVPLKDQSAALGDSLYGAASLNDFGIL
AVRVVNDHNPTKVTSKIRVYLKPKHIRVWCPRPPRAVAYYGPGVDYKDGTLTPLSTKDLTTY
;
1
2 'polypeptide(L)'
;SPNIEACGYSDRVLQLTLGNSTITTQEAANSVVAYGRWPEYLRDSEANPVDQPTEPDVAACRFYTLDTVSWTKESRGWWW
KLPDALRDMGLFGQNMYYHYLGRSGYTVHVQCNASKFHQGALGVFAVPEMCLAGDSNTTTMHTSYQNANPGEKGGTFTGT
FTPDNNQTSPARRFCPVDYLLGNGTLLGNAFVFPHQIINLRTNNCATLVLPYVNSLSIDSMVKHNNWGIAILPLAPLNFA
SESSPEIPITLTIAPMCCEFNGLRNITLPRLQ
;
2
3 'polypeptide(L)'
;GLPVMNTPGSNQYLTADNFQSPCALPEFDVTPPIDIPGEVKNMMELAEIDTMIPFDLSATKKNTMEMYRVRLSDKPHTDD
PILCLSLSPASDPRLSHTMLGEILNYYTHWAGSLKFTFLFCGSMMATGKLLVSYAPPGADPPKKRKEAMLGTHVIWDIGL
QSSCTMVVPWISNTTYRQTIDDSFTEGGYISVFYQTRIVVPLSTPREMDILGFVSACNDFSVRLLRDTTHIEQKALA
;
3
4 'polypeptide(L)' GAQVSSQKVGAHENSNRAYGGSTINYTTINYYRDSASNAASKQDFSQDPSKFTEPIKDVLIKTAPMLN 4
#
loop_
_chem_comp.id
_chem_comp.type
_chem_comp.name
_chem_comp.formula
MYR non-polymer 'MYRISTIC ACID' 'C14 H28 O2'
PLM non-polymer 'PALMITIC ACID' 'C16 H32 O2'
#
# COMPACT_ATOMS: atom_id res chain seq x y z
N GLY A 6 39.90 -13.86 5.08
CA GLY A 6 40.21 -13.92 6.52
C GLY A 6 39.17 -13.23 7.41
N SER A 7 39.24 -11.90 7.48
CA SER A 7 38.27 -11.12 8.26
C SER A 7 37.90 -9.81 7.60
N SER A 8 36.70 -9.69 7.06
CA SER A 8 36.23 -8.42 6.52
C SER A 8 35.71 -7.55 7.65
N SER A 9 36.02 -6.25 7.69
CA SER A 9 35.54 -5.44 8.81
C SER A 9 34.65 -4.25 8.48
N THR A 10 33.40 -4.26 8.94
CA THR A 10 32.49 -3.11 8.85
C THR A 10 31.94 -2.72 10.23
N ALA A 20 24.05 6.42 1.30
CA ALA A 20 24.82 6.18 2.54
C ALA A 20 24.04 6.39 3.85
N ALA A 21 22.80 6.92 3.83
CA ALA A 21 22.05 6.98 5.09
C ALA A 21 21.59 5.57 5.50
N THR A 22 21.98 5.04 6.64
CA THR A 22 21.50 3.71 7.02
C THR A 22 20.28 3.79 7.91
N SER A 23 19.60 2.64 7.99
CA SER A 23 18.36 2.52 8.74
C SER A 23 18.60 2.85 10.20
N ARG A 24 19.75 2.51 10.77
CA ARG A 24 19.95 2.89 12.16
C ARG A 24 20.57 4.28 12.42
N ASP A 25 20.75 5.12 11.41
CA ASP A 25 21.23 6.48 11.68
C ASP A 25 20.26 7.37 12.44
N ALA A 26 20.77 8.25 13.28
CA ALA A 26 19.89 9.21 13.95
C ALA A 26 19.18 10.14 12.99
N LEU A 27 17.91 10.42 13.24
CA LEU A 27 17.17 11.37 12.44
C LEU A 27 17.71 12.80 12.57
N PRO A 28 17.35 13.76 11.73
CA PRO A 28 17.87 15.10 11.83
C PRO A 28 17.53 15.85 13.09
N ASN A 29 18.54 16.55 13.54
CA ASN A 29 18.40 17.46 14.66
C ASN A 29 17.39 18.54 14.45
N THR A 30 16.80 19.01 15.54
CA THR A 30 15.99 20.21 15.40
C THR A 30 16.89 21.41 15.55
N GLU A 31 16.84 22.33 14.61
CA GLU A 31 17.58 23.56 14.76
C GLU A 31 16.82 24.65 15.47
N ALA A 32 17.51 25.45 16.26
CA ALA A 32 16.85 26.57 16.91
C ALA A 32 16.31 27.57 15.88
N SER A 33 15.11 28.09 15.98
CA SER A 33 14.67 29.12 15.06
C SER A 33 13.83 30.16 15.78
N GLY A 34 13.97 31.40 15.37
CA GLY A 34 13.33 32.49 16.07
C GLY A 34 12.11 33.06 15.36
N PRO A 35 11.66 34.24 15.76
CA PRO A 35 10.51 34.91 15.20
C PRO A 35 10.72 35.23 13.73
N THR A 36 9.65 35.36 12.99
CA THR A 36 9.78 35.62 11.58
C THR A 36 8.70 36.57 11.07
N HIS A 37 8.95 37.40 10.07
CA HIS A 37 7.93 38.28 9.49
C HIS A 37 8.37 38.48 8.06
N SER A 38 7.85 37.77 7.07
CA SER A 38 8.37 37.94 5.72
C SER A 38 7.48 37.36 4.64
N LYS A 39 7.88 37.46 3.39
CA LYS A 39 7.16 36.86 2.30
C LYS A 39 7.35 35.36 2.14
N GLU A 40 8.23 34.76 2.91
CA GLU A 40 8.37 33.31 2.86
C GLU A 40 7.14 32.69 3.47
N ILE A 41 6.49 31.78 2.78
CA ILE A 41 5.24 31.21 3.25
C ILE A 41 5.17 29.69 3.30
N PRO A 42 6.00 29.02 4.10
CA PRO A 42 6.00 27.57 4.23
C PRO A 42 4.62 26.99 4.55
N ALA A 43 3.87 27.64 5.43
CA ALA A 43 2.59 27.12 5.86
C ALA A 43 1.51 27.04 4.77
N LEU A 44 1.57 27.91 3.77
CA LEU A 44 0.56 27.87 2.73
C LEU A 44 0.99 26.92 1.66
N THR A 45 0.09 26.16 1.09
CA THR A 45 0.50 25.18 0.09
C THR A 45 -0.67 24.83 -0.81
N ALA A 46 -0.55 23.84 -1.68
CA ALA A 46 -1.67 23.46 -2.54
C ALA A 46 -1.67 21.96 -2.76
N VAL A 47 -2.48 21.17 -2.04
CA VAL A 47 -2.37 19.72 -2.18
C VAL A 47 -2.88 19.19 -3.51
N GLU A 48 -3.50 20.05 -4.34
CA GLU A 48 -3.94 19.66 -5.68
C GLU A 48 -2.78 19.18 -6.54
N THR A 49 -1.58 19.71 -6.27
CA THR A 49 -0.40 19.31 -7.03
C THR A 49 -0.05 17.84 -6.89
N GLY A 50 -0.50 17.21 -5.80
CA GLY A 50 -0.16 15.82 -5.55
C GLY A 50 1.01 15.66 -4.59
N ALA A 51 1.59 16.76 -4.16
CA ALA A 51 2.70 16.75 -3.22
C ALA A 51 2.29 17.01 -1.78
N THR A 52 3.03 16.43 -0.87
CA THR A 52 2.85 16.67 0.54
C THR A 52 3.79 17.80 0.97
N ASN A 53 3.36 18.76 1.75
CA ASN A 53 4.16 19.90 2.16
C ASN A 53 5.29 19.45 3.10
N PRO A 54 6.60 19.61 2.81
CA PRO A 54 7.69 18.97 3.55
C PRO A 54 8.00 19.76 4.84
N LEU A 55 7.05 20.23 5.65
CA LEU A 55 7.44 21.08 6.77
C LEU A 55 8.01 20.36 7.97
N VAL A 56 8.79 21.11 8.73
CA VAL A 56 9.28 20.70 10.03
C VAL A 56 8.83 21.76 11.03
N PRO A 57 8.79 21.56 12.35
CA PRO A 57 8.33 22.56 13.28
C PRO A 57 8.92 23.94 13.21
N SER A 58 10.21 24.09 12.94
CA SER A 58 10.76 25.44 12.81
C SER A 58 10.18 26.22 11.65
N ASP A 59 9.43 25.61 10.74
CA ASP A 59 8.74 26.38 9.72
C ASP A 59 7.51 27.10 10.27
N THR A 60 6.89 26.66 11.36
CA THR A 60 5.69 27.34 11.82
C THR A 60 5.66 27.69 13.30
N VAL A 61 6.66 27.33 14.09
CA VAL A 61 6.75 27.76 15.48
C VAL A 61 8.21 28.10 15.81
N GLN A 62 8.48 28.76 16.91
CA GLN A 62 9.85 28.92 17.37
C GLN A 62 10.35 27.62 18.00
N THR A 63 11.55 27.22 17.63
CA THR A 63 12.14 26.00 18.13
C THR A 63 13.46 26.17 18.84
N ARG A 64 13.78 25.26 19.74
CA ARG A 64 15.12 25.26 20.35
C ARG A 64 16.03 24.28 19.57
N HIS A 65 17.30 24.23 19.87
CA HIS A 65 18.17 23.24 19.26
C HIS A 65 17.99 21.94 20.03
N VAL A 66 17.85 20.84 19.31
CA VAL A 66 17.79 19.50 19.92
C VAL A 66 18.65 18.51 19.17
N VAL A 67 19.56 17.83 19.86
CA VAL A 67 20.34 16.81 19.21
C VAL A 67 19.49 15.55 19.17
N GLN A 68 19.05 15.18 18.00
CA GLN A 68 18.18 14.06 17.83
C GLN A 68 18.86 12.72 17.88
N HIS A 69 18.46 11.82 18.77
CA HIS A 69 19.08 10.50 18.76
C HIS A 69 18.19 9.40 18.22
N ARG A 70 16.89 9.60 18.06
CA ARG A 70 16.04 8.51 17.58
C ARG A 70 16.37 8.06 16.16
N SER A 71 16.12 6.81 15.84
CA SER A 71 16.33 6.33 14.48
C SER A 71 15.17 5.50 13.98
N ARG A 72 15.10 5.26 12.68
CA ARG A 72 14.07 4.43 12.10
C ARG A 72 14.51 2.99 11.87
N SER A 73 15.44 2.53 12.69
CA SER A 73 15.98 1.19 12.50
C SER A 73 14.99 0.04 12.50
N GLU A 74 13.95 0.12 13.32
CA GLU A 74 12.99 -0.96 13.39
C GLU A 74 11.86 -0.89 12.37
N SER A 75 11.81 0.16 11.55
CA SER A 75 10.80 0.23 10.51
C SER A 75 11.39 0.18 9.10
N SER A 76 12.63 -0.30 8.97
CA SER A 76 13.16 -0.66 7.65
C SER A 76 12.30 -1.79 7.09
N ILE A 77 12.23 -1.99 5.78
CA ILE A 77 11.43 -3.09 5.24
C ILE A 77 11.82 -4.44 5.84
N GLU A 78 13.13 -4.71 5.86
CA GLU A 78 13.64 -5.93 6.48
C GLU A 78 13.15 -6.11 7.90
N SER A 79 13.25 -5.09 8.74
CA SER A 79 12.81 -5.24 10.13
C SER A 79 11.31 -5.32 10.32
N PHE A 80 10.52 -4.62 9.51
CA PHE A 80 9.08 -4.72 9.56
C PHE A 80 8.64 -6.16 9.26
N PHE A 81 9.34 -6.84 8.37
CA PHE A 81 9.02 -8.21 8.03
C PHE A 81 9.83 -9.30 8.72
N ALA A 82 10.77 -8.99 9.61
CA ALA A 82 11.64 -10.00 10.20
C ALA A 82 11.04 -10.88 11.30
N ARG A 83 10.01 -11.61 10.93
CA ARG A 83 9.28 -12.45 11.85
C ARG A 83 8.69 -13.64 11.14
N GLY A 84 8.70 -14.80 11.74
CA GLY A 84 7.96 -15.91 11.16
C GLY A 84 6.46 -15.74 11.45
N ALA A 85 5.60 -15.86 10.44
CA ALA A 85 4.16 -15.81 10.63
C ALA A 85 3.49 -17.11 10.24
N CYS A 86 2.48 -17.56 10.97
CA CYS A 86 1.82 -18.82 10.61
C CYS A 86 1.04 -18.68 9.31
N VAL A 87 1.32 -19.49 8.31
CA VAL A 87 0.54 -19.41 7.08
C VAL A 87 -0.37 -20.60 6.85
N THR A 88 -0.25 -21.68 7.62
CA THR A 88 -1.17 -22.80 7.51
C THR A 88 -1.00 -23.80 8.64
N ILE A 89 -2.01 -24.65 8.82
CA ILE A 89 -1.96 -25.74 9.78
C ILE A 89 -2.30 -26.99 8.98
N MET A 90 -1.43 -27.98 8.93
CA MET A 90 -1.72 -29.18 8.15
C MET A 90 -2.03 -30.37 9.04
N THR A 91 -3.11 -31.10 8.80
CA THR A 91 -3.44 -32.24 9.69
C THR A 91 -3.11 -33.58 9.09
N VAL A 92 -2.49 -34.45 9.86
CA VAL A 92 -2.20 -35.77 9.38
C VAL A 92 -2.51 -36.76 10.46
N ASP A 93 -2.58 -38.05 10.20
CA ASP A 93 -2.73 -38.98 11.32
C ASP A 93 -2.06 -40.31 11.08
N ASN A 94 -2.11 -41.22 12.03
CA ASN A 94 -1.59 -42.54 11.83
C ASN A 94 -2.55 -43.49 12.54
N PRO A 95 -3.49 -44.13 11.86
CA PRO A 95 -4.63 -44.81 12.47
C PRO A 95 -4.27 -46.29 12.63
N ALA A 96 -5.16 -47.12 13.21
CA ALA A 96 -4.95 -48.57 13.21
C ALA A 96 -5.03 -49.16 11.81
N SER A 97 -4.47 -50.34 11.51
CA SER A 97 -4.59 -50.87 10.12
C SER A 97 -5.99 -51.40 9.85
N THR A 98 -6.71 -51.68 10.94
CA THR A 98 -8.10 -52.15 10.82
C THR A 98 -9.10 -51.05 10.53
N THR A 99 -8.67 -49.82 10.22
CA THR A 99 -9.67 -48.79 10.01
C THR A 99 -10.32 -48.84 8.65
N ASN A 100 -11.61 -48.51 8.69
CA ASN A 100 -12.32 -48.32 7.42
C ASN A 100 -11.75 -47.07 6.72
N LYS A 101 -11.40 -46.05 7.53
CA LYS A 101 -10.84 -44.84 6.95
C LYS A 101 -9.34 -44.89 6.62
N ASP A 102 -9.03 -44.41 5.42
CA ASP A 102 -7.65 -44.22 5.00
C ASP A 102 -6.75 -43.39 5.90
N LYS A 103 -5.48 -43.76 5.98
CA LYS A 103 -4.51 -42.97 6.73
C LYS A 103 -4.43 -41.59 6.07
N LEU A 104 -4.65 -40.57 6.88
CA LEU A 104 -4.61 -39.19 6.40
C LEU A 104 -3.24 -38.58 6.18
N PHE A 105 -2.90 -38.25 4.94
CA PHE A 105 -1.72 -37.44 4.70
C PHE A 105 -2.21 -36.08 4.22
N ALA A 106 -1.47 -34.99 4.39
CA ALA A 106 -1.97 -33.70 3.99
C ALA A 106 -1.35 -33.10 2.74
N VAL A 107 -2.13 -32.33 2.00
CA VAL A 107 -1.64 -31.67 0.81
C VAL A 107 -1.99 -30.17 0.92
N TRP A 108 -1.05 -29.25 0.87
CA TRP A 108 -1.36 -27.83 1.01
C TRP A 108 -0.78 -27.04 -0.15
N LYS A 109 -1.60 -26.32 -0.88
CA LYS A 109 -1.11 -25.46 -1.94
C LYS A 109 -0.42 -24.24 -1.31
N ILE A 110 0.88 -24.08 -1.53
CA ILE A 110 1.65 -23.02 -0.87
C ILE A 110 1.17 -21.63 -1.19
N THR A 111 0.95 -20.87 -0.14
CA THR A 111 0.42 -19.51 -0.25
C THR A 111 0.54 -18.74 1.07
N TYR A 112 0.55 -17.40 1.11
CA TYR A 112 0.44 -16.67 2.37
C TYR A 112 -0.99 -16.16 2.53
N LYS A 113 -1.90 -16.56 1.64
CA LYS A 113 -3.27 -16.07 1.72
C LYS A 113 -4.29 -16.90 2.49
N ASP A 114 -3.90 -18.03 3.07
CA ASP A 114 -4.83 -18.75 3.91
C ASP A 114 -4.93 -18.15 5.30
N THR A 115 -3.96 -17.35 5.72
CA THR A 115 -4.13 -16.63 6.97
C THR A 115 -4.15 -15.14 6.70
N VAL A 116 -4.39 -14.28 7.66
CA VAL A 116 -4.53 -12.85 7.34
C VAL A 116 -3.43 -11.89 7.78
N GLN A 117 -2.69 -12.17 8.83
CA GLN A 117 -1.73 -11.19 9.33
C GLN A 117 -0.52 -10.91 8.45
N LEU A 118 0.21 -11.93 8.00
CA LEU A 118 1.32 -11.70 7.08
C LEU A 118 0.78 -11.14 5.77
N ARG A 119 -0.35 -11.69 5.29
CA ARG A 119 -0.95 -11.22 4.05
C ARG A 119 -1.19 -9.71 4.09
N ARG A 120 -1.76 -9.19 5.18
CA ARG A 120 -1.99 -7.77 5.25
C ARG A 120 -0.71 -6.93 5.22
N LYS A 121 0.34 -7.39 5.90
CA LYS A 121 1.60 -6.68 5.88
C LYS A 121 2.25 -6.66 4.50
N LEU A 122 2.26 -7.79 3.79
CA LEU A 122 2.83 -7.82 2.45
C LEU A 122 2.02 -6.96 1.49
N GLU A 123 0.70 -6.91 1.75
CA GLU A 123 -0.16 -6.14 0.88
C GLU A 123 -0.13 -4.63 1.12
N PHE A 124 0.72 -4.13 2.01
CA PHE A 124 1.05 -2.70 1.98
C PHE A 124 1.83 -2.39 0.67
N PHE A 125 2.27 -3.42 -0.05
CA PHE A 125 3.03 -3.24 -1.28
C PHE A 125 2.46 -4.02 -2.46
N THR A 126 2.75 -3.56 -3.66
CA THR A 126 2.26 -4.23 -4.86
C THR A 126 3.16 -5.36 -5.29
N TYR A 127 4.46 -5.17 -5.16
CA TYR A 127 5.43 -6.17 -5.58
C TYR A 127 6.51 -6.42 -4.55
N SER A 128 7.07 -7.62 -4.47
CA SER A 128 8.16 -7.88 -3.56
C SER A 128 9.16 -8.90 -4.05
N ARG A 129 10.35 -8.92 -3.51
CA ARG A 129 11.36 -9.93 -3.76
C ARG A 129 11.93 -10.36 -2.42
N PHE A 130 12.04 -11.65 -2.15
CA PHE A 130 12.63 -12.10 -0.91
C PHE A 130 13.04 -13.56 -0.94
N ASP A 131 13.96 -13.92 -0.06
CA ASP A 131 14.26 -15.31 0.20
C ASP A 131 13.25 -15.75 1.24
N MET A 132 12.82 -16.99 1.22
CA MET A 132 11.82 -17.41 2.17
C MET A 132 12.36 -18.40 3.18
N GLU A 133 12.19 -18.12 4.46
CA GLU A 133 12.54 -19.09 5.49
C GLU A 133 11.26 -19.76 5.98
N LEU A 134 11.18 -21.08 5.93
CA LEU A 134 10.04 -21.82 6.44
C LEU A 134 10.43 -22.62 7.68
N THR A 135 9.67 -22.43 8.74
CA THR A 135 9.90 -23.18 9.97
C THR A 135 8.68 -24.02 10.29
N PHE A 136 8.84 -25.23 10.77
CA PHE A 136 7.73 -26.16 10.94
C PHE A 136 7.53 -26.62 12.37
N VAL A 137 6.43 -26.29 13.02
CA VAL A 137 6.19 -26.75 14.38
C VAL A 137 5.20 -27.90 14.37
N VAL A 138 5.60 -29.02 14.93
CA VAL A 138 4.80 -30.24 14.86
C VAL A 138 4.28 -30.72 16.20
N THR A 139 2.97 -30.89 16.32
CA THR A 139 2.40 -31.37 17.57
C THR A 139 1.50 -32.58 17.37
N ALA A 140 1.42 -33.45 18.37
CA ALA A 140 0.60 -34.64 18.21
C ALA A 140 -0.23 -34.99 19.44
N ASN A 141 -1.31 -35.74 19.27
CA ASN A 141 -2.10 -36.16 20.41
C ASN A 141 -2.86 -37.47 20.18
N PHE A 142 -3.28 -38.12 21.26
CA PHE A 142 -4.13 -39.30 21.13
C PHE A 142 -5.57 -38.87 20.93
N THR A 143 -6.43 -39.64 20.32
CA THR A 143 -7.83 -39.21 20.25
C THR A 143 -8.84 -40.16 20.84
N GLU A 144 -8.54 -41.44 20.83
CA GLU A 144 -9.49 -42.37 21.44
C GLU A 144 -9.04 -42.61 22.87
N THR A 145 -10.05 -42.44 23.74
CA THR A 145 -9.92 -42.66 25.20
C THR A 145 -9.62 -44.13 25.43
N ASN A 146 -8.34 -44.40 25.21
CA ASN A 146 -7.82 -45.75 25.20
C ASN A 146 -6.52 -45.65 26.01
N ASN A 147 -5.89 -46.73 26.44
CA ASN A 147 -4.60 -46.57 27.15
C ASN A 147 -3.43 -46.98 26.25
N GLY A 148 -3.71 -47.52 25.04
CA GLY A 148 -2.68 -47.97 24.07
C GLY A 148 -1.62 -46.91 23.82
N HIS A 149 -0.43 -47.28 23.31
CA HIS A 149 0.61 -46.27 23.16
C HIS A 149 1.13 -46.13 21.74
N ALA A 150 1.98 -45.15 21.51
CA ALA A 150 2.57 -45.02 20.18
C ALA A 150 4.04 -44.69 20.28
N LEU A 151 4.88 -45.16 19.38
CA LEU A 151 6.27 -44.79 19.43
C LEU A 151 6.52 -43.50 18.65
N ASN A 152 7.59 -42.78 19.00
CA ASN A 152 7.91 -41.51 18.41
C ASN A 152 7.82 -41.44 16.89
N GLN A 153 7.06 -40.49 16.40
CA GLN A 153 6.84 -40.39 14.98
C GLN A 153 7.86 -39.62 14.15
N VAL A 154 8.06 -40.06 12.92
CA VAL A 154 8.85 -39.31 11.96
C VAL A 154 7.92 -38.83 10.87
N TYR A 155 8.04 -37.58 10.47
CA TYR A 155 7.21 -37.00 9.45
C TYR A 155 7.98 -36.71 8.18
N GLN A 156 7.37 -36.90 7.04
CA GLN A 156 7.99 -36.50 5.79
C GLN A 156 7.22 -35.32 5.23
N ILE A 157 7.92 -34.20 5.06
CA ILE A 157 7.36 -33.00 4.46
C ILE A 157 7.96 -32.91 3.05
N MET A 158 7.20 -33.20 2.02
CA MET A 158 7.72 -33.20 0.66
C MET A 158 7.22 -32.03 -0.14
N TYR A 159 8.14 -31.29 -0.75
CA TYR A 159 7.74 -30.22 -1.62
C TYR A 159 7.46 -30.80 -3.00
N VAL A 160 6.23 -30.70 -3.48
CA VAL A 160 5.89 -31.20 -4.80
C VAL A 160 5.65 -30.01 -5.72
N PRO A 161 6.64 -29.62 -6.52
CA PRO A 161 6.52 -28.45 -7.37
C PRO A 161 5.56 -28.70 -8.52
N PRO A 162 4.97 -27.67 -9.12
CA PRO A 162 3.99 -27.85 -10.17
C PRO A 162 4.47 -28.72 -11.32
N GLY A 163 3.74 -29.79 -11.56
CA GLY A 163 4.11 -30.72 -12.58
C GLY A 163 4.52 -32.04 -11.96
N ALA A 164 5.13 -32.08 -10.78
CA ALA A 164 5.50 -33.35 -10.19
C ALA A 164 4.28 -34.14 -9.70
N PRO A 165 4.30 -35.47 -9.64
CA PRO A 165 3.16 -36.28 -9.23
C PRO A 165 2.78 -36.05 -7.78
N VAL A 166 1.57 -35.61 -7.51
CA VAL A 166 1.12 -35.42 -6.14
C VAL A 166 0.81 -36.78 -5.53
N PRO A 167 1.23 -37.14 -4.33
CA PRO A 167 0.83 -38.39 -3.71
C PRO A 167 -0.67 -38.57 -3.63
N GLU A 168 -1.10 -39.77 -3.97
CA GLU A 168 -2.49 -40.18 -3.78
C GLU A 168 -2.70 -41.08 -2.57
N LYS A 169 -1.67 -41.75 -2.08
CA LYS A 169 -1.76 -42.55 -0.86
C LYS A 169 -0.57 -42.20 0.01
N TRP A 170 -0.67 -42.35 1.34
CA TRP A 170 0.42 -42.03 2.25
C TRP A 170 1.67 -42.84 1.96
N ASP A 171 1.51 -43.96 1.30
CA ASP A 171 2.65 -44.81 1.01
C ASP A 171 2.88 -45.09 -0.47
N ASP A 172 2.38 -44.29 -1.42
CA ASP A 172 2.69 -44.65 -2.81
C ASP A 172 4.13 -44.31 -3.24
N TYR A 173 4.52 -44.55 -4.49
CA TYR A 173 5.89 -44.31 -4.94
C TYR A 173 6.37 -42.85 -4.88
N THR A 174 5.49 -41.86 -4.92
CA THR A 174 5.95 -40.46 -4.96
C THR A 174 6.78 -40.08 -3.76
N TRP A 175 6.55 -40.72 -2.60
CA TRP A 175 7.33 -40.40 -1.41
C TRP A 175 8.79 -40.83 -1.49
N GLN A 176 9.17 -41.57 -2.54
CA GLN A 176 10.57 -41.81 -2.83
C GLN A 176 11.38 -40.52 -2.95
N THR A 177 10.74 -39.40 -3.31
CA THR A 177 11.40 -38.10 -3.43
C THR A 177 12.76 -38.07 -4.08
N SER A 178 13.04 -38.77 -5.18
CA SER A 178 14.38 -38.70 -5.75
C SER A 178 14.81 -37.31 -6.17
N SER A 179 13.85 -36.46 -6.47
CA SER A 179 14.18 -35.12 -6.95
C SER A 179 13.50 -34.00 -6.22
N ASN A 180 12.24 -34.16 -5.79
CA ASN A 180 11.60 -33.18 -4.93
C ASN A 180 12.42 -33.03 -3.66
N PRO A 181 12.53 -31.89 -2.98
CA PRO A 181 13.20 -31.82 -1.70
C PRO A 181 12.21 -32.36 -0.67
N SER A 182 12.65 -33.15 0.28
CA SER A 182 11.79 -33.54 1.40
C SER A 182 12.46 -33.28 2.74
N ILE A 183 11.73 -32.98 3.80
CA ILE A 183 12.30 -32.92 5.13
C ILE A 183 11.77 -34.11 5.93
N PHE A 184 12.63 -34.93 6.52
CA PHE A 184 12.17 -35.92 7.45
C PHE A 184 12.38 -35.34 8.83
N TYR A 185 11.29 -35.02 9.50
CA TYR A 185 11.34 -34.41 10.81
C TYR A 185 11.04 -35.42 11.91
N THR A 186 11.84 -35.41 12.96
CA THR A 186 11.61 -36.31 14.07
C THR A 186 10.85 -35.64 15.19
N TYR A 187 9.72 -36.21 15.56
CA TYR A 187 8.91 -35.66 16.63
C TYR A 187 9.69 -35.35 17.91
N GLY A 188 9.44 -34.20 18.50
CA GLY A 188 10.12 -33.86 19.74
C GLY A 188 11.46 -33.19 19.53
N THR A 189 11.97 -33.05 18.31
CA THR A 189 13.19 -32.31 18.13
C THR A 189 12.87 -30.88 17.77
N ALA A 190 13.89 -30.03 17.74
CA ALA A 190 13.72 -28.65 17.33
C ALA A 190 12.89 -28.50 16.06
N PRO A 191 11.93 -27.59 15.98
CA PRO A 191 11.22 -27.36 14.74
C PRO A 191 12.08 -27.29 13.49
N ALA A 192 11.66 -28.03 12.48
CA ALA A 192 12.36 -28.07 11.21
C ALA A 192 12.45 -26.71 10.51
N ARG A 193 13.45 -26.49 9.69
CA ARG A 193 13.61 -25.21 9.01
C ARG A 193 14.43 -25.28 7.74
N ILE A 194 13.93 -24.67 6.68
CA ILE A 194 14.69 -24.55 5.45
C ILE A 194 14.58 -23.14 4.89
N SER A 195 15.49 -22.82 3.99
CA SER A 195 15.41 -21.61 3.21
C SER A 195 15.20 -21.94 1.74
N VAL A 196 14.53 -21.03 1.07
CA VAL A 196 14.33 -21.10 -0.36
C VAL A 196 14.74 -19.77 -0.98
N PRO A 197 15.34 -19.72 -2.17
CA PRO A 197 15.69 -18.48 -2.83
C PRO A 197 14.44 -17.74 -3.34
N TYR A 198 14.61 -16.55 -3.92
CA TYR A 198 13.53 -15.92 -4.65
C TYR A 198 13.25 -16.82 -5.87
N VAL A 199 12.11 -17.49 -5.88
CA VAL A 199 11.84 -18.45 -6.94
C VAL A 199 10.83 -18.02 -7.97
N GLY A 200 10.42 -16.76 -7.98
CA GLY A 200 9.39 -16.30 -8.90
C GLY A 200 9.77 -16.39 -10.36
N ILE A 201 8.79 -16.69 -11.21
CA ILE A 201 9.01 -16.68 -12.65
C ILE A 201 9.00 -15.26 -13.21
N SER A 202 8.74 -14.28 -12.39
CA SER A 202 8.87 -12.88 -12.74
C SER A 202 10.04 -12.22 -12.05
N ASN A 203 10.33 -10.94 -12.28
CA ASN A 203 11.43 -10.29 -11.58
C ASN A 203 11.08 -9.87 -10.16
N ALA A 204 9.81 -9.95 -9.82
CA ALA A 204 9.34 -9.73 -8.46
C ALA A 204 8.06 -10.54 -8.28
N TYR A 205 7.71 -10.94 -7.07
CA TYR A 205 6.41 -11.55 -6.81
C TYR A 205 5.32 -10.49 -6.97
N SER A 206 4.21 -10.81 -7.61
CA SER A 206 3.10 -9.86 -7.70
C SER A 206 2.08 -10.07 -6.63
N HIS A 207 1.87 -9.10 -5.76
CA HIS A 207 0.85 -9.26 -4.71
C HIS A 207 -0.53 -8.99 -5.30
N PHE A 208 -0.58 -8.29 -6.43
CA PHE A 208 -1.81 -7.95 -7.12
C PHE A 208 -1.58 -8.09 -8.62
N TYR A 209 -2.44 -8.76 -9.35
CA TYR A 209 -2.31 -8.94 -10.79
C TYR A 209 -3.64 -8.53 -11.42
N ASP A 210 -3.74 -7.33 -11.94
CA ASP A 210 -4.99 -6.90 -12.56
C ASP A 210 -5.18 -7.44 -13.97
N GLY A 211 -5.51 -8.72 -14.03
CA GLY A 211 -5.66 -9.35 -15.33
C GLY A 211 -6.10 -10.79 -15.26
N PHE A 212 -5.99 -11.45 -16.39
CA PHE A 212 -6.46 -12.80 -16.53
C PHE A 212 -5.37 -13.69 -17.07
N SER A 213 -5.51 -15.00 -16.92
CA SER A 213 -4.53 -15.86 -17.57
C SER A 213 -4.93 -16.22 -18.98
N LYS A 214 -6.17 -15.97 -19.40
CA LYS A 214 -6.59 -16.26 -20.77
C LYS A 214 -7.24 -15.09 -21.48
N VAL A 215 -6.95 -14.87 -22.75
CA VAL A 215 -7.68 -13.91 -23.57
C VAL A 215 -8.87 -14.68 -24.15
N PRO A 216 -10.13 -14.37 -23.93
CA PRO A 216 -11.24 -15.06 -24.55
C PRO A 216 -11.26 -14.63 -26.01
N LEU A 217 -11.32 -15.51 -26.96
CA LEU A 217 -11.36 -15.10 -28.35
C LEU A 217 -12.74 -15.12 -28.95
N LYS A 218 -13.11 -14.19 -29.81
CA LYS A 218 -14.42 -14.21 -30.45
C LYS A 218 -14.83 -15.51 -31.13
N ASP A 219 -13.82 -16.06 -31.78
CA ASP A 219 -14.01 -17.26 -32.53
C ASP A 219 -13.98 -18.55 -31.70
N GLN A 220 -14.22 -18.44 -30.41
CA GLN A 220 -14.04 -19.61 -29.55
C GLN A 220 -15.18 -19.60 -28.55
N SER A 221 -15.58 -20.72 -27.95
CA SER A 221 -16.67 -20.63 -26.98
C SER A 221 -16.24 -19.83 -25.76
N ALA A 222 -17.24 -19.22 -25.14
CA ALA A 222 -16.98 -18.51 -23.89
C ALA A 222 -16.34 -19.39 -22.82
N ALA A 223 -16.77 -20.65 -22.75
CA ALA A 223 -16.18 -21.55 -21.76
C ALA A 223 -14.69 -21.77 -21.98
N LEU A 224 -14.34 -21.93 -23.25
CA LEU A 224 -12.94 -22.14 -23.58
C LEU A 224 -12.06 -20.92 -23.32
N GLY A 225 -12.61 -19.71 -23.41
CA GLY A 225 -11.75 -18.56 -23.14
C GLY A 225 -11.84 -18.02 -21.71
N ASP A 226 -12.51 -18.73 -20.82
CA ASP A 226 -12.73 -18.18 -19.50
C ASP A 226 -11.64 -18.45 -18.48
N SER A 227 -11.43 -17.54 -17.55
CA SER A 227 -10.49 -17.75 -16.46
C SER A 227 -10.79 -16.81 -15.30
N LEU A 228 -10.22 -17.05 -14.12
CA LEU A 228 -10.52 -16.23 -12.99
C LEU A 228 -9.86 -14.89 -12.99
N TYR A 229 -10.61 -13.87 -12.58
CA TYR A 229 -10.03 -12.56 -12.48
C TYR A 229 -8.93 -12.48 -11.42
N GLY A 230 -7.77 -11.97 -11.82
CA GLY A 230 -6.69 -11.74 -10.88
C GLY A 230 -5.82 -12.94 -10.62
N ALA A 231 -6.05 -14.03 -11.33
CA ALA A 231 -5.26 -15.22 -11.13
C ALA A 231 -4.28 -15.51 -12.25
N ALA A 232 -3.09 -15.98 -11.92
CA ALA A 232 -2.07 -16.33 -12.91
C ALA A 232 -1.06 -17.34 -12.36
N SER A 233 -0.32 -18.20 -13.06
CA SER A 233 0.72 -19.01 -12.39
C SER A 233 1.91 -18.20 -11.81
N LEU A 234 1.89 -16.85 -11.86
CA LEU A 234 2.84 -15.95 -11.14
C LEU A 234 3.10 -16.38 -9.69
N ASN A 235 1.96 -16.84 -9.14
CA ASN A 235 1.95 -17.40 -7.79
C ASN A 235 1.64 -18.89 -7.68
N ASP A 236 1.77 -19.74 -8.70
CA ASP A 236 1.58 -21.14 -8.39
C ASP A 236 2.96 -21.67 -8.08
N PHE A 237 3.08 -22.06 -6.82
CA PHE A 237 4.33 -22.59 -6.29
C PHE A 237 4.29 -24.05 -5.96
N GLY A 238 3.20 -24.74 -6.28
CA GLY A 238 3.10 -26.14 -5.94
C GLY A 238 2.58 -26.37 -4.53
N ILE A 239 2.81 -27.58 -4.02
CA ILE A 239 2.23 -27.99 -2.76
C ILE A 239 3.21 -28.59 -1.77
N LEU A 240 2.86 -28.57 -0.49
CA LEU A 240 3.58 -29.39 0.46
C LEU A 240 2.72 -30.62 0.74
N ALA A 241 3.32 -31.80 0.68
CA ALA A 241 2.62 -33.02 1.02
C ALA A 241 3.24 -33.60 2.28
N VAL A 242 2.46 -33.89 3.30
CA VAL A 242 3.01 -34.34 4.57
C VAL A 242 2.41 -35.66 5.03
N ARG A 243 3.25 -36.58 5.50
CA ARG A 243 2.76 -37.84 6.05
C ARG A 243 3.49 -38.27 7.31
N VAL A 244 2.86 -39.11 8.13
CA VAL A 244 3.54 -39.79 9.21
C VAL A 244 4.19 -40.98 8.55
N VAL A 245 5.50 -41.13 8.64
CA VAL A 245 6.18 -42.24 7.97
C VAL A 245 5.95 -43.57 8.65
N ASN A 246 5.84 -43.59 9.98
CA ASN A 246 5.58 -44.81 10.71
C ASN A 246 4.35 -45.58 10.21
N ASP A 247 4.48 -46.88 10.15
CA ASP A 247 3.30 -47.69 9.89
C ASP A 247 2.18 -47.54 10.90
N HIS A 248 1.01 -48.04 10.47
CA HIS A 248 -0.19 -48.00 11.30
C HIS A 248 0.06 -48.52 12.69
N ASN A 249 -0.57 -47.86 13.62
CA ASN A 249 -0.38 -48.23 15.01
C ASN A 249 -1.75 -48.58 15.60
N PRO A 250 -1.94 -49.47 16.56
CA PRO A 250 -3.27 -49.76 17.11
C PRO A 250 -3.94 -48.60 17.79
N THR A 251 -3.19 -47.69 18.41
CA THR A 251 -3.83 -46.52 18.98
C THR A 251 -3.66 -45.39 17.99
N LYS A 252 -4.74 -44.73 17.58
CA LYS A 252 -4.62 -43.65 16.64
C LYS A 252 -3.99 -42.37 17.18
N VAL A 253 -3.01 -41.81 16.46
CA VAL A 253 -2.47 -40.50 16.84
C VAL A 253 -2.74 -39.49 15.75
N THR A 254 -3.19 -38.30 16.12
CA THR A 254 -3.38 -37.23 15.16
C THR A 254 -2.31 -36.18 15.33
N SER A 255 -1.84 -35.59 14.24
CA SER A 255 -0.83 -34.56 14.32
C SER A 255 -1.09 -33.31 13.51
N LYS A 256 -0.53 -32.21 13.96
CA LYS A 256 -0.58 -30.98 13.21
C LYS A 256 0.76 -30.35 12.92
N ILE A 257 0.93 -29.92 11.68
CA ILE A 257 2.15 -29.24 11.29
C ILE A 257 1.83 -27.78 11.04
N ARG A 258 2.35 -26.90 11.87
CA ARG A 258 2.18 -25.48 11.64
C ARG A 258 3.35 -24.92 10.84
N VAL A 259 3.03 -24.23 9.77
CA VAL A 259 4.04 -23.67 8.90
C VAL A 259 4.22 -22.17 9.12
N TYR A 260 5.44 -21.75 9.41
CA TYR A 260 5.75 -20.34 9.59
C TYR A 260 6.66 -19.79 8.48
N LEU A 261 6.25 -18.67 7.93
CA LEU A 261 6.96 -18.05 6.84
C LEU A 261 7.60 -16.73 7.28
N LYS A 262 8.90 -16.59 7.07
CA LYS A 262 9.56 -15.31 7.29
C LYS A 262 10.17 -14.88 5.95
N PRO A 263 9.82 -13.72 5.39
CA PRO A 263 10.40 -13.25 4.15
C PRO A 263 11.72 -12.59 4.54
N LYS A 264 12.89 -13.11 4.21
CA LYS A 264 14.12 -12.39 4.55
C LYS A 264 14.81 -11.86 3.31
N HIS A 265 15.78 -10.95 3.44
CA HIS A 265 16.47 -10.30 2.33
C HIS A 265 15.42 -9.66 1.38
N ILE A 266 14.51 -8.88 1.95
CA ILE A 266 13.36 -8.38 1.19
C ILE A 266 13.38 -6.97 0.60
N ARG A 267 12.93 -6.87 -0.64
CA ARG A 267 12.68 -5.58 -1.27
C ARG A 267 11.21 -5.47 -1.65
N VAL A 268 10.63 -4.29 -1.59
CA VAL A 268 9.23 -4.09 -1.95
C VAL A 268 9.06 -2.81 -2.75
N TRP A 269 8.00 -2.82 -3.55
CA TRP A 269 7.68 -1.72 -4.44
C TRP A 269 6.20 -1.33 -4.49
N CYS A 270 5.93 -0.05 -4.77
CA CYS A 270 4.60 0.54 -4.95
C CYS A 270 3.63 0.38 -3.78
N PRO A 271 3.69 1.29 -2.81
CA PRO A 271 2.93 1.22 -1.57
C PRO A 271 1.43 1.30 -1.83
N ARG A 272 0.64 0.68 -0.99
CA ARG A 272 -0.80 0.65 -1.16
C ARG A 272 -1.48 0.93 0.16
N PRO A 273 -2.65 1.55 0.22
CA PRO A 273 -3.51 1.49 1.39
C PRO A 273 -3.72 0.08 1.91
N PRO A 274 -3.63 -0.19 3.21
CA PRO A 274 -3.74 -1.53 3.78
C PRO A 274 -5.18 -2.02 3.73
N ARG A 275 -5.40 -3.32 3.79
CA ARG A 275 -6.72 -3.93 3.83
C ARG A 275 -7.56 -3.41 5.00
N ALA A 276 -8.68 -2.81 4.70
CA ALA A 276 -9.50 -2.19 5.74
C ALA A 276 -10.80 -2.91 6.11
N VAL A 277 -11.26 -3.86 5.29
CA VAL A 277 -12.40 -4.70 5.62
C VAL A 277 -11.93 -6.14 5.54
N ALA A 278 -12.64 -7.07 6.13
CA ALA A 278 -12.17 -8.44 6.16
C ALA A 278 -11.87 -9.09 4.84
N TYR A 279 -10.81 -9.89 4.82
CA TYR A 279 -10.47 -10.62 3.62
C TYR A 279 -11.58 -11.60 3.26
N TYR A 280 -11.73 -11.84 1.97
CA TYR A 280 -12.79 -12.68 1.48
C TYR A 280 -12.29 -13.35 0.21
N GLY A 281 -11.60 -14.44 0.49
CA GLY A 281 -10.98 -15.23 -0.55
C GLY A 281 -9.60 -14.69 -0.94
N PRO A 282 -8.97 -15.26 -1.97
CA PRO A 282 -7.57 -14.98 -2.29
C PRO A 282 -7.47 -13.72 -3.14
N GLY A 283 -8.59 -13.12 -3.54
CA GLY A 283 -8.54 -11.89 -4.31
C GLY A 283 -8.86 -10.71 -3.42
N VAL A 284 -9.28 -9.58 -3.98
CA VAL A 284 -9.59 -8.40 -3.18
C VAL A 284 -11.08 -8.27 -2.84
N ASP A 285 -11.86 -9.32 -3.15
CA ASP A 285 -13.31 -9.27 -2.96
C ASP A 285 -13.74 -9.02 -1.52
N TYR A 286 -14.89 -8.41 -1.35
CA TYR A 286 -15.39 -8.23 -0.01
C TYR A 286 -16.82 -8.71 0.12
N LYS A 287 -17.13 -8.93 1.37
CA LYS A 287 -18.39 -9.54 1.68
C LYS A 287 -19.37 -8.62 2.36
N ASP A 288 -20.61 -8.73 1.95
CA ASP A 288 -21.67 -7.94 2.56
C ASP A 288 -21.71 -8.09 4.08
N GLY A 289 -22.01 -7.02 4.81
CA GLY A 289 -21.97 -7.13 6.27
C GLY A 289 -20.59 -6.90 6.86
N THR A 290 -19.51 -6.77 6.08
CA THR A 290 -18.21 -6.51 6.69
C THR A 290 -17.65 -5.15 6.31
N LEU A 291 -18.43 -4.32 5.65
CA LEU A 291 -17.91 -3.10 5.09
C LEU A 291 -17.96 -1.86 5.97
N THR A 292 -18.01 -1.99 7.28
CA THR A 292 -18.05 -0.80 8.14
C THR A 292 -16.96 -0.75 9.20
N PRO A 293 -15.71 -0.54 8.79
CA PRO A 293 -14.56 -0.54 9.69
C PRO A 293 -14.58 0.63 10.69
N LEU A 294 -15.14 1.79 10.33
CA LEU A 294 -15.09 2.92 11.24
C LEU A 294 -16.21 2.93 12.26
N SER A 295 -15.87 3.36 13.46
CA SER A 295 -16.88 3.49 14.51
C SER A 295 -17.40 4.90 14.67
N THR A 296 -18.44 5.10 15.48
CA THR A 296 -19.03 6.42 15.64
C THR A 296 -18.24 7.39 16.48
N LYS A 297 -18.06 8.61 16.02
CA LYS A 297 -17.39 9.63 16.80
C LYS A 297 -17.86 10.98 16.31
N ASP A 298 -18.33 11.82 17.20
CA ASP A 298 -18.81 13.14 16.83
C ASP A 298 -17.68 14.13 16.49
N LEU A 299 -17.88 14.85 15.38
CA LEU A 299 -16.95 15.84 14.85
C LEU A 299 -16.36 16.82 15.85
N THR A 300 -17.15 17.31 16.81
CA THR A 300 -16.56 18.19 17.82
C THR A 300 -16.36 17.58 19.18
N THR A 301 -16.13 16.28 19.22
CA THR A 301 -15.84 15.60 20.49
C THR A 301 -14.42 15.06 20.50
N TYR A 302 -13.58 15.40 21.47
CA TYR A 302 -12.20 14.91 21.53
C TYR A 302 -11.98 13.39 21.66
N ALA B 6 9.64 36.69 -14.57
CA ALA B 6 10.38 37.57 -15.53
C ALA B 6 9.65 37.54 -16.90
N CYS B 7 9.80 36.41 -17.62
CA CYS B 7 8.95 36.20 -18.81
C CYS B 7 7.52 35.81 -18.41
N GLY B 8 7.21 35.49 -17.15
CA GLY B 8 5.84 35.08 -16.86
C GLY B 8 5.58 33.57 -17.00
N TYR B 9 6.61 32.72 -17.14
CA TYR B 9 6.37 31.27 -17.11
C TYR B 9 5.70 30.85 -15.81
N SER B 10 4.86 29.83 -15.81
CA SER B 10 4.09 29.49 -14.64
C SER B 10 3.65 28.03 -14.54
N ASP B 11 3.67 27.54 -13.32
CA ASP B 11 3.08 26.25 -12.92
C ASP B 11 1.73 25.82 -13.42
N ARG B 12 0.99 26.92 -13.55
CA ARG B 12 -0.39 26.83 -13.95
C ARG B 12 -0.60 26.79 -15.45
N VAL B 13 0.40 27.18 -16.23
CA VAL B 13 0.21 27.30 -17.65
C VAL B 13 1.17 26.38 -18.36
N LEU B 14 0.67 25.32 -18.98
CA LEU B 14 1.52 24.32 -19.58
C LEU B 14 1.14 23.99 -21.01
N GLN B 15 2.11 23.52 -21.76
CA GLN B 15 1.83 22.97 -23.08
C GLN B 15 2.43 21.56 -23.20
N LEU B 16 1.71 20.57 -23.65
CA LEU B 16 2.25 19.23 -23.79
C LEU B 16 2.14 18.87 -25.27
N THR B 17 3.20 18.41 -25.89
CA THR B 17 3.14 18.03 -27.29
C THR B 17 3.67 16.62 -27.48
N LEU B 18 2.90 15.71 -28.06
CA LEU B 18 3.33 14.35 -28.36
C LEU B 18 2.80 13.97 -29.74
N GLY B 19 3.68 13.53 -30.61
CA GLY B 19 3.31 13.20 -31.98
C GLY B 19 2.71 14.40 -32.69
N ASN B 20 1.55 14.25 -33.29
CA ASN B 20 0.92 15.36 -33.96
C ASN B 20 -0.10 16.06 -33.04
N SER B 21 0.02 15.90 -31.73
CA SER B 21 -0.95 16.46 -30.81
C SER B 21 -0.41 17.32 -29.69
N THR B 22 -1.13 18.39 -29.41
CA THR B 22 -0.73 19.32 -28.37
C THR B 22 -1.85 19.63 -27.41
N ILE B 23 -1.57 19.68 -26.13
CA ILE B 23 -2.51 20.08 -25.11
C ILE B 23 -2.03 21.39 -24.49
N THR B 24 -2.94 22.33 -24.28
CA THR B 24 -2.59 23.50 -23.50
C THR B 24 -3.46 23.57 -22.27
N THR B 25 -2.96 24.18 -21.21
CA THR B 25 -3.77 24.43 -20.05
C THR B 25 -3.34 25.72 -19.40
N GLN B 26 -4.29 26.49 -18.90
CA GLN B 26 -3.96 27.73 -18.22
C GLN B 26 -4.27 27.68 -16.73
N GLU B 27 -4.82 26.57 -16.23
CA GLU B 27 -5.09 26.42 -14.81
C GLU B 27 -4.67 25.04 -14.28
N ALA B 28 -3.40 24.74 -14.49
CA ALA B 28 -2.81 23.52 -13.99
C ALA B 28 -2.31 23.65 -12.57
N ALA B 29 -2.06 22.55 -11.88
CA ALA B 29 -1.45 22.62 -10.56
C ALA B 29 -0.16 21.81 -10.64
N ASN B 30 0.78 22.29 -11.48
CA ASN B 30 2.02 21.59 -11.81
C ASN B 30 1.65 20.23 -12.45
N SER B 31 2.53 19.24 -12.54
CA SER B 31 2.12 17.94 -13.03
C SER B 31 2.92 16.86 -12.34
N VAL B 32 2.40 15.66 -12.26
CA VAL B 32 3.05 14.59 -11.52
C VAL B 32 3.81 13.60 -12.36
N VAL B 33 5.01 13.21 -11.97
CA VAL B 33 5.69 12.11 -12.65
C VAL B 33 5.66 10.98 -11.63
N ALA B 34 4.84 9.96 -11.88
CA ALA B 34 4.64 8.88 -10.91
C ALA B 34 5.94 8.22 -10.46
N TYR B 35 6.10 8.15 -9.14
CA TYR B 35 7.28 7.60 -8.49
C TYR B 35 8.59 8.22 -8.98
N GLY B 36 8.52 9.45 -9.50
CA GLY B 36 9.70 10.12 -10.02
C GLY B 36 10.28 9.46 -11.28
N ARG B 37 9.58 8.55 -11.96
CA ARG B 37 10.15 7.88 -13.10
C ARG B 37 9.49 8.19 -14.43
N TRP B 38 10.17 8.94 -15.26
CA TRP B 38 9.71 9.20 -16.62
C TRP B 38 9.64 7.90 -17.41
N PRO B 39 8.71 7.69 -18.33
CA PRO B 39 8.72 6.52 -19.18
C PRO B 39 9.97 6.32 -20.00
N GLU B 40 10.29 5.07 -20.25
CA GLU B 40 11.48 4.72 -21.01
C GLU B 40 11.34 3.44 -21.81
N TYR B 41 12.11 3.30 -22.87
CA TYR B 41 12.17 2.03 -23.57
C TYR B 41 12.91 0.97 -22.75
N LEU B 42 12.62 -0.28 -23.00
CA LEU B 42 13.26 -1.38 -22.29
C LEU B 42 14.76 -1.52 -22.55
N ARG B 43 15.56 -1.25 -21.54
CA ARG B 43 17.00 -1.47 -21.61
C ARG B 43 17.43 -2.87 -21.96
N ASP B 44 18.53 -2.96 -22.69
CA ASP B 44 19.10 -4.27 -23.02
C ASP B 44 19.42 -5.13 -21.81
N SER B 45 19.88 -4.52 -20.72
CA SER B 45 20.18 -5.31 -19.55
C SER B 45 18.94 -5.83 -18.86
N GLU B 46 17.74 -5.35 -19.18
CA GLU B 46 16.53 -5.88 -18.58
C GLU B 46 15.65 -6.59 -19.61
N ALA B 47 16.14 -6.71 -20.83
CA ALA B 47 15.32 -7.27 -21.88
C ALA B 47 14.99 -8.75 -21.74
N ASN B 48 13.95 -9.19 -22.41
CA ASN B 48 13.61 -10.59 -22.29
C ASN B 48 13.18 -11.23 -23.59
N PRO B 49 12.07 -10.99 -24.32
CA PRO B 49 11.87 -11.52 -25.66
C PRO B 49 13.05 -11.11 -26.55
N VAL B 50 13.60 -12.01 -27.34
CA VAL B 50 14.77 -11.66 -28.14
C VAL B 50 14.51 -11.12 -29.53
N ASP B 51 13.29 -11.27 -30.02
CA ASP B 51 12.99 -10.70 -31.33
C ASP B 51 13.06 -9.17 -31.33
N GLN B 52 13.48 -8.61 -32.44
CA GLN B 52 13.49 -7.17 -32.63
C GLN B 52 12.11 -6.54 -32.38
N PRO B 53 11.91 -5.66 -31.41
CA PRO B 53 10.61 -5.12 -31.08
C PRO B 53 10.12 -4.14 -32.12
N THR B 54 8.81 -3.95 -32.16
CA THR B 54 8.19 -2.85 -32.89
C THR B 54 8.10 -1.65 -31.96
N GLU B 55 8.48 -0.48 -32.44
CA GLU B 55 8.33 0.73 -31.66
C GLU B 55 7.55 1.75 -32.47
N PRO B 56 6.23 1.91 -32.38
CA PRO B 56 5.51 2.76 -33.29
C PRO B 56 5.82 4.24 -33.23
N ASP B 57 6.40 4.67 -32.12
CA ASP B 57 6.75 6.06 -31.92
C ASP B 57 5.59 7.04 -32.20
N VAL B 58 5.63 8.08 -33.03
CA VAL B 58 4.52 9.02 -33.16
C VAL B 58 3.19 8.47 -33.64
N ALA B 59 3.20 7.30 -34.27
CA ALA B 59 1.96 6.68 -34.70
C ALA B 59 1.05 6.30 -33.53
N ALA B 60 1.66 5.94 -32.41
CA ALA B 60 0.90 5.57 -31.23
C ALA B 60 1.17 6.45 -30.02
N CYS B 61 2.31 7.12 -29.94
CA CYS B 61 2.61 7.98 -28.79
C CYS B 61 2.15 9.40 -29.05
N ARG B 62 0.85 9.56 -28.83
CA ARG B 62 0.14 10.78 -29.12
C ARG B 62 -1.14 10.84 -28.29
N PHE B 63 -1.70 12.02 -28.09
CA PHE B 63 -2.92 12.13 -27.31
C PHE B 63 -4.23 11.59 -27.91
N TYR B 64 -4.82 10.60 -27.25
CA TYR B 64 -6.13 10.10 -27.64
C TYR B 64 -7.22 10.55 -26.66
N THR B 65 -8.28 11.19 -27.11
CA THR B 65 -9.36 11.60 -26.21
C THR B 65 -10.51 10.60 -26.13
N LEU B 66 -10.81 10.13 -24.93
CA LEU B 66 -11.88 9.17 -24.73
C LEU B 66 -13.25 9.83 -24.66
N ASP B 67 -14.35 9.09 -24.69
CA ASP B 67 -15.66 9.72 -24.55
C ASP B 67 -15.82 10.47 -23.26
N THR B 68 -16.34 11.68 -23.35
CA THR B 68 -16.54 12.53 -22.19
C THR B 68 -17.62 12.05 -21.25
N VAL B 69 -17.44 12.19 -19.94
CA VAL B 69 -18.49 11.84 -19.01
C VAL B 69 -19.04 13.08 -18.34
N SER B 70 -20.07 12.92 -17.52
CA SER B 70 -20.70 14.07 -16.91
C SER B 70 -20.71 14.01 -15.39
N TRP B 71 -20.22 15.03 -14.70
CA TRP B 71 -20.19 15.05 -13.25
C TRP B 71 -21.43 15.75 -12.72
N THR B 72 -22.19 15.06 -11.87
CA THR B 72 -23.34 15.69 -11.23
C THR B 72 -23.28 15.50 -9.73
N LYS B 73 -24.20 16.10 -8.98
CA LYS B 73 -24.24 15.90 -7.53
C LYS B 73 -24.41 14.45 -7.15
N GLU B 74 -24.91 13.59 -8.02
CA GLU B 74 -25.05 12.20 -7.63
C GLU B 74 -23.90 11.30 -8.07
N SER B 75 -22.92 11.82 -8.82
CA SER B 75 -21.81 10.98 -9.28
C SER B 75 -21.01 10.36 -8.16
N ARG B 76 -20.77 9.05 -8.17
CA ARG B 76 -19.93 8.46 -7.13
C ARG B 76 -18.47 8.27 -7.58
N GLY B 77 -18.21 8.34 -8.87
CA GLY B 77 -16.84 8.19 -9.34
C GLY B 77 -16.70 7.33 -10.57
N TRP B 78 -15.55 7.39 -11.22
CA TRP B 78 -15.32 6.68 -12.46
C TRP B 78 -14.00 5.92 -12.47
N TRP B 79 -13.86 4.85 -13.23
CA TRP B 79 -12.58 4.17 -13.34
C TRP B 79 -12.29 3.68 -14.74
N TRP B 80 -11.03 3.62 -15.11
CA TRP B 80 -10.62 3.08 -16.40
C TRP B 80 -9.38 2.23 -16.20
N LYS B 81 -9.03 1.32 -17.08
CA LYS B 81 -7.81 0.56 -16.91
C LYS B 81 -6.91 0.81 -18.13
N LEU B 82 -5.59 0.74 -18.00
CA LEU B 82 -4.67 0.94 -19.09
C LEU B 82 -3.81 -0.31 -19.26
N PRO B 83 -3.62 -0.87 -20.45
CA PRO B 83 -3.91 -0.28 -21.76
C PRO B 83 -5.37 -0.39 -22.19
N ASP B 84 -6.22 -1.16 -21.51
CA ASP B 84 -7.61 -1.38 -21.95
C ASP B 84 -8.38 -0.19 -22.49
N ALA B 85 -8.40 0.95 -21.82
CA ALA B 85 -9.13 2.12 -22.31
C ALA B 85 -8.64 2.64 -23.66
N LEU B 86 -7.43 2.27 -24.07
CA LEU B 86 -6.90 2.67 -25.36
C LEU B 86 -6.87 1.58 -26.41
N ARG B 87 -7.50 0.44 -26.12
CA ARG B 87 -7.43 -0.73 -27.01
C ARG B 87 -7.95 -0.50 -28.41
N ASP B 88 -8.91 0.40 -28.55
CA ASP B 88 -9.45 0.73 -29.85
C ASP B 88 -8.95 2.09 -30.35
N MET B 89 -7.82 2.60 -29.84
CA MET B 89 -7.30 3.88 -30.28
C MET B 89 -6.21 3.81 -31.34
N GLY B 90 -6.61 4.12 -32.57
CA GLY B 90 -5.72 4.22 -33.72
C GLY B 90 -4.63 3.17 -33.85
N LEU B 91 -3.42 3.58 -34.17
CA LEU B 91 -2.36 2.59 -34.31
C LEU B 91 -1.83 2.03 -33.00
N PHE B 92 -2.12 2.66 -31.87
CA PHE B 92 -1.77 2.04 -30.61
C PHE B 92 -2.55 0.73 -30.45
N GLY B 93 -3.86 0.80 -30.67
CA GLY B 93 -4.72 -0.36 -30.57
C GLY B 93 -4.31 -1.47 -31.55
N GLN B 94 -4.05 -1.13 -32.81
CA GLN B 94 -3.60 -2.13 -33.76
C GLN B 94 -2.29 -2.81 -33.37
N ASN B 95 -1.28 -2.03 -32.95
CA ASN B 95 -0.05 -2.64 -32.51
C ASN B 95 -0.23 -3.53 -31.30
N MET B 96 -1.09 -3.14 -30.37
CA MET B 96 -1.40 -3.94 -29.21
C MET B 96 -1.99 -5.31 -29.61
N TYR B 97 -3.01 -5.31 -30.46
CA TYR B 97 -3.63 -6.58 -30.82
C TYR B 97 -2.83 -7.45 -31.78
N TYR B 98 -1.94 -6.90 -32.60
CA TYR B 98 -1.10 -7.74 -33.45
C TYR B 98 0.08 -8.41 -32.78
N HIS B 99 0.39 -8.02 -31.54
CA HIS B 99 1.54 -8.58 -30.87
C HIS B 99 1.21 -9.29 -29.57
N TYR B 100 1.80 -10.43 -29.33
CA TYR B 100 1.69 -11.09 -28.04
C TYR B 100 2.06 -10.20 -26.84
N LEU B 101 3.15 -9.46 -26.96
CA LEU B 101 3.66 -8.67 -25.86
C LEU B 101 3.71 -7.19 -26.13
N GLY B 102 3.57 -6.41 -25.08
CA GLY B 102 3.69 -4.98 -25.20
C GLY B 102 3.96 -4.32 -23.86
N ARG B 103 4.60 -3.17 -23.92
CA ARG B 103 4.77 -2.33 -22.76
C ARG B 103 4.63 -0.89 -23.18
N SER B 104 4.19 -0.07 -22.25
CA SER B 104 3.94 1.33 -22.54
C SER B 104 3.81 2.13 -21.27
N GLY B 105 4.30 3.34 -21.29
CA GLY B 105 4.03 4.32 -20.26
C GLY B 105 2.93 5.26 -20.78
N TYR B 106 2.50 6.29 -20.05
CA TYR B 106 1.42 7.17 -20.49
C TYR B 106 1.49 8.59 -19.96
N THR B 107 1.01 9.58 -20.69
CA THR B 107 0.69 10.84 -20.06
C THR B 107 -0.83 10.88 -19.98
N VAL B 108 -1.38 11.00 -18.77
CA VAL B 108 -2.82 11.07 -18.54
C VAL B 108 -3.22 12.50 -18.23
N HIS B 109 -4.10 13.09 -19.02
CA HIS B 109 -4.54 14.44 -18.75
C HIS B 109 -6.05 14.51 -18.56
N VAL B 110 -6.49 14.72 -17.32
CA VAL B 110 -7.90 14.81 -17.01
C VAL B 110 -8.34 16.25 -17.03
N GLN B 111 -9.42 16.53 -17.74
CA GLN B 111 -9.91 17.89 -17.96
C GLN B 111 -11.29 18.17 -17.39
N CYS B 112 -11.43 19.23 -16.60
CA CYS B 112 -12.71 19.57 -16.01
C CYS B 112 -12.75 21.01 -15.56
N ASN B 113 -13.31 21.88 -16.38
CA ASN B 113 -13.39 23.28 -16.02
C ASN B 113 -14.79 23.66 -15.57
N ALA B 114 -14.93 24.81 -14.93
CA ALA B 114 -16.21 25.19 -14.39
C ALA B 114 -16.27 26.70 -14.27
N SER B 115 -16.41 27.32 -13.12
CA SER B 115 -16.42 28.77 -13.05
C SER B 115 -15.99 29.15 -11.66
N LYS B 116 -15.73 30.41 -11.41
CA LYS B 116 -15.38 30.86 -10.08
C LYS B 116 -16.49 30.78 -9.03
N PHE B 117 -17.69 30.46 -9.50
CA PHE B 117 -18.85 30.28 -8.65
C PHE B 117 -19.24 28.83 -8.46
N HIS B 118 -18.51 27.91 -9.10
CA HIS B 118 -18.75 26.49 -8.88
C HIS B 118 -17.80 25.99 -7.79
N GLN B 119 -18.05 24.84 -7.20
CA GLN B 119 -17.10 24.26 -6.28
C GLN B 119 -17.19 22.75 -6.39
N GLY B 120 -16.15 22.10 -5.91
CA GLY B 120 -16.08 20.66 -5.97
C GLY B 120 -14.64 20.20 -6.18
N ALA B 121 -14.33 18.97 -5.82
CA ALA B 121 -12.98 18.48 -5.96
C ALA B 121 -12.90 17.01 -6.31
N LEU B 122 -12.21 16.70 -7.40
CA LEU B 122 -12.01 15.34 -7.87
C LEU B 122 -10.64 14.79 -7.50
N GLY B 123 -10.55 13.66 -6.83
CA GLY B 123 -9.28 12.99 -6.66
C GLY B 123 -9.01 12.16 -7.92
N VAL B 124 -7.86 12.36 -8.56
CA VAL B 124 -7.46 11.62 -9.74
C VAL B 124 -6.28 10.76 -9.36
N PHE B 125 -6.50 9.46 -9.25
CA PHE B 125 -5.48 8.54 -8.80
C PHE B 125 -5.01 7.56 -9.85
N ALA B 126 -3.72 7.36 -10.00
CA ALA B 126 -3.22 6.33 -10.89
C ALA B 126 -2.70 5.20 -10.02
N VAL B 127 -3.28 4.02 -10.16
CA VAL B 127 -3.02 2.88 -9.30
C VAL B 127 -2.36 1.72 -10.02
N PRO B 128 -1.16 1.26 -9.71
CA PRO B 128 -0.53 0.12 -10.37
C PRO B 128 -1.33 -1.11 -9.99
N GLU B 129 -1.65 -2.05 -10.88
CA GLU B 129 -2.43 -3.24 -10.53
C GLU B 129 -3.73 -2.93 -9.77
N MET B 130 -4.57 -2.09 -10.36
CA MET B 130 -5.82 -1.72 -9.71
C MET B 130 -6.88 -2.84 -9.73
N CYS B 131 -6.65 -3.90 -8.96
CA CYS B 131 -7.60 -4.98 -8.86
C CYS B 131 -8.89 -4.52 -8.19
N LEU B 132 -10.03 -4.74 -8.79
CA LEU B 132 -11.29 -4.33 -8.19
C LEU B 132 -12.14 -5.48 -7.66
N ALA B 133 -12.91 -5.22 -6.63
CA ALA B 133 -13.79 -6.24 -6.08
C ALA B 133 -15.02 -6.61 -6.92
N GLY B 134 -15.39 -7.87 -6.85
CA GLY B 134 -16.52 -8.36 -7.62
C GLY B 134 -17.87 -8.12 -6.95
N ASP B 135 -18.92 -8.49 -7.66
CA ASP B 135 -20.28 -8.35 -7.16
C ASP B 135 -20.82 -9.58 -6.46
N SER B 136 -20.03 -10.62 -6.22
CA SER B 136 -20.61 -11.83 -5.69
C SER B 136 -20.27 -12.18 -4.27
N ASN B 137 -21.25 -12.64 -3.52
CA ASN B 137 -20.91 -13.24 -2.25
C ASN B 137 -21.03 -14.73 -2.25
N THR B 138 -21.07 -15.35 -3.42
CA THR B 138 -21.02 -16.81 -3.42
C THR B 138 -19.80 -17.33 -4.17
N THR B 139 -19.16 -16.51 -5.02
CA THR B 139 -17.94 -16.96 -5.74
C THR B 139 -16.93 -15.84 -5.73
N THR B 140 -15.65 -16.06 -5.51
CA THR B 140 -14.71 -14.95 -5.60
C THR B 140 -13.99 -14.92 -6.94
N MET B 141 -13.42 -13.77 -7.32
CA MET B 141 -12.56 -13.63 -8.51
C MET B 141 -13.27 -14.07 -9.79
N HIS B 142 -14.55 -13.76 -9.79
CA HIS B 142 -15.41 -14.18 -10.86
C HIS B 142 -15.79 -13.16 -11.91
N THR B 143 -15.39 -11.90 -11.76
CA THR B 143 -15.69 -10.91 -12.78
C THR B 143 -15.15 -11.38 -14.11
N SER B 144 -15.98 -11.30 -15.11
CA SER B 144 -15.57 -11.79 -16.42
C SER B 144 -14.60 -10.87 -17.15
N TYR B 145 -13.85 -11.39 -18.11
CA TYR B 145 -12.96 -10.57 -18.93
C TYR B 145 -13.69 -9.39 -19.56
N GLN B 146 -14.88 -9.67 -20.09
CA GLN B 146 -15.69 -8.64 -20.73
C GLN B 146 -16.08 -7.54 -19.77
N ASN B 147 -16.53 -7.87 -18.56
CA ASN B 147 -16.91 -6.85 -17.59
C ASN B 147 -15.73 -6.18 -16.90
N ALA B 148 -14.58 -6.86 -16.84
CA ALA B 148 -13.40 -6.26 -16.26
C ALA B 148 -12.75 -5.25 -17.20
N ASN B 149 -12.99 -5.42 -18.51
CA ASN B 149 -12.43 -4.56 -19.53
C ASN B 149 -13.47 -3.75 -20.33
N PRO B 150 -13.87 -2.58 -19.87
CA PRO B 150 -14.94 -1.79 -20.46
C PRO B 150 -14.44 -1.01 -21.67
N GLY B 151 -13.14 -0.99 -21.95
CA GLY B 151 -12.58 -0.10 -22.98
C GLY B 151 -12.68 1.38 -22.61
N GLU B 152 -12.87 2.27 -23.57
CA GLU B 152 -12.83 3.69 -23.28
C GLU B 152 -14.00 4.21 -22.46
N LYS B 153 -15.14 3.51 -22.40
CA LYS B 153 -16.22 4.06 -21.60
C LYS B 153 -15.95 3.96 -20.11
N GLY B 154 -14.99 3.13 -19.71
CA GLY B 154 -14.71 2.98 -18.30
C GLY B 154 -15.86 2.38 -17.53
N GLY B 155 -15.77 2.44 -16.23
CA GLY B 155 -16.82 1.96 -15.36
C GLY B 155 -17.07 2.98 -14.26
N THR B 156 -17.90 2.65 -13.30
CA THR B 156 -18.17 3.58 -12.23
C THR B 156 -18.08 2.97 -10.86
N PHE B 157 -17.90 3.83 -9.87
CA PHE B 157 -17.93 3.41 -8.49
C PHE B 157 -19.36 3.49 -7.98
N THR B 158 -19.66 2.82 -6.89
CA THR B 158 -20.99 2.94 -6.29
C THR B 158 -20.87 3.25 -4.81
N GLY B 159 -21.88 3.84 -4.18
CA GLY B 159 -21.82 4.07 -2.74
C GLY B 159 -22.36 2.88 -1.94
N THR B 160 -22.88 1.86 -2.62
CA THR B 160 -23.50 0.73 -1.93
C THR B 160 -23.10 -0.62 -2.47
N PHE B 161 -22.68 -1.56 -1.66
CA PHE B 161 -22.41 -2.89 -2.17
C PHE B 161 -23.73 -3.64 -2.40
N THR B 162 -23.95 -4.12 -3.61
CA THR B 162 -25.17 -4.88 -3.89
C THR B 162 -24.86 -6.28 -4.41
N PRO B 163 -24.88 -7.33 -3.62
CA PRO B 163 -24.44 -8.65 -4.05
C PRO B 163 -25.30 -9.14 -5.19
N ASP B 164 -24.75 -9.80 -6.18
CA ASP B 164 -25.55 -10.39 -7.23
C ASP B 164 -26.16 -11.66 -6.66
N ASN B 165 -27.49 -11.72 -6.58
CA ASN B 165 -28.05 -13.01 -6.17
C ASN B 165 -28.55 -13.96 -7.25
N ASN B 166 -28.39 -13.60 -8.53
CA ASN B 166 -28.80 -14.53 -9.57
C ASN B 166 -27.77 -15.63 -9.75
N GLN B 167 -27.88 -16.76 -9.05
CA GLN B 167 -26.90 -17.83 -9.30
C GLN B 167 -27.08 -18.65 -10.56
N THR B 168 -28.23 -18.46 -11.23
CA THR B 168 -28.49 -19.15 -12.50
C THR B 168 -27.61 -18.50 -13.56
N SER B 169 -27.79 -17.21 -13.75
CA SER B 169 -26.90 -16.51 -14.67
C SER B 169 -26.33 -15.27 -14.01
N PRO B 170 -25.23 -15.48 -13.30
CA PRO B 170 -24.57 -14.45 -12.52
C PRO B 170 -24.16 -13.26 -13.37
N ALA B 171 -24.29 -12.03 -12.94
CA ALA B 171 -23.80 -10.91 -13.72
C ALA B 171 -22.28 -10.84 -13.97
N ARG B 172 -21.48 -11.42 -13.08
CA ARG B 172 -20.02 -11.43 -13.16
C ARG B 172 -19.35 -10.09 -13.40
N ARG B 173 -19.86 -9.10 -12.68
CA ARG B 173 -19.16 -7.85 -12.77
C ARG B 173 -18.62 -7.27 -11.48
N PHE B 174 -17.78 -6.26 -11.61
CA PHE B 174 -17.25 -5.60 -10.42
C PHE B 174 -18.31 -4.89 -9.60
N CYS B 175 -18.23 -4.80 -8.28
CA CYS B 175 -19.12 -3.87 -7.58
C CYS B 175 -18.23 -2.97 -6.72
N PRO B 176 -17.61 -1.92 -7.29
CA PRO B 176 -16.54 -1.18 -6.65
C PRO B 176 -17.10 -0.11 -5.72
N VAL B 177 -17.07 -0.29 -4.41
CA VAL B 177 -17.58 0.71 -3.49
C VAL B 177 -16.64 1.91 -3.31
N ASP B 178 -17.13 3.13 -3.55
CA ASP B 178 -16.30 4.33 -3.47
C ASP B 178 -15.42 4.54 -2.23
N TYR B 179 -15.94 4.51 -1.00
CA TYR B 179 -15.10 4.77 0.15
C TYR B 179 -14.15 3.61 0.45
N LEU B 180 -14.29 2.48 -0.25
CA LEU B 180 -13.34 1.38 -0.13
C LEU B 180 -12.44 1.24 -1.36
N LEU B 181 -12.36 2.34 -2.14
CA LEU B 181 -11.58 2.43 -3.37
C LEU B 181 -11.85 1.28 -4.35
N GLY B 182 -13.06 0.74 -4.24
CA GLY B 182 -13.46 -0.41 -5.01
C GLY B 182 -12.60 -1.66 -4.77
N ASN B 183 -11.74 -1.70 -3.75
CA ASN B 183 -10.86 -2.84 -3.55
C ASN B 183 -10.65 -3.27 -2.10
N GLY B 184 -11.44 -2.76 -1.17
CA GLY B 184 -11.34 -3.21 0.22
C GLY B 184 -10.37 -2.40 1.07
N THR B 185 -9.93 -1.23 0.62
CA THR B 185 -9.03 -0.41 1.41
C THR B 185 -9.58 1.00 1.55
N LEU B 186 -9.31 1.80 2.58
CA LEU B 186 -10.01 3.08 2.64
C LEU B 186 -9.57 4.15 1.66
N LEU B 187 -10.54 4.76 0.99
CA LEU B 187 -10.28 5.78 0.01
C LEU B 187 -9.41 6.93 0.54
N GLY B 188 -9.53 7.34 1.80
CA GLY B 188 -8.66 8.38 2.36
C GLY B 188 -7.17 8.10 2.22
N ASN B 189 -6.78 6.85 2.05
CA ASN B 189 -5.40 6.49 1.86
C ASN B 189 -4.93 6.37 0.41
N ALA B 190 -5.82 6.58 -0.56
CA ALA B 190 -5.45 6.47 -1.96
C ALA B 190 -4.37 7.46 -2.38
N PHE B 191 -4.15 8.50 -1.58
CA PHE B 191 -3.11 9.48 -1.85
C PHE B 191 -1.68 8.91 -1.77
N VAL B 192 -1.45 7.69 -1.26
CA VAL B 192 -0.12 7.11 -1.38
C VAL B 192 0.12 6.66 -2.83
N PHE B 193 -0.91 6.60 -3.67
CA PHE B 193 -0.72 6.38 -5.09
C PHE B 193 -0.46 7.73 -5.77
N PRO B 194 0.28 7.79 -6.89
CA PRO B 194 0.42 8.99 -7.66
C PRO B 194 -0.90 9.60 -8.03
N HIS B 195 -1.02 10.88 -7.75
CA HIS B 195 -2.29 11.56 -7.89
C HIS B 195 -2.22 13.06 -8.04
N GLN B 196 -3.32 13.65 -8.46
CA GLN B 196 -3.53 15.08 -8.31
C GLN B 196 -4.99 15.29 -7.91
N ILE B 197 -5.38 16.49 -7.48
CA ILE B 197 -6.77 16.75 -7.18
C ILE B 197 -7.24 17.88 -8.09
N ILE B 198 -8.37 17.75 -8.78
CA ILE B 198 -8.90 18.89 -9.51
C ILE B 198 -9.90 19.57 -8.57
N ASN B 199 -9.47 20.64 -7.93
CA ASN B 199 -10.32 21.39 -7.01
C ASN B 199 -10.71 22.63 -7.81
N LEU B 200 -11.99 22.76 -8.16
CA LEU B 200 -12.42 23.76 -9.13
C LEU B 200 -12.02 25.21 -8.88
N ARG B 201 -11.95 25.67 -7.64
CA ARG B 201 -11.44 27.01 -7.37
C ARG B 201 -9.96 27.22 -7.72
N THR B 202 -9.19 26.13 -7.80
CA THR B 202 -7.75 26.18 -8.03
C THR B 202 -7.29 25.84 -9.44
N ASN B 203 -7.77 24.71 -9.95
CA ASN B 203 -7.28 24.18 -11.22
C ASN B 203 -8.35 23.49 -12.01
N ASN B 204 -8.18 23.34 -13.31
CA ASN B 204 -9.18 22.67 -14.14
C ASN B 204 -8.68 21.40 -14.79
N CYS B 205 -7.55 20.87 -14.33
CA CYS B 205 -7.02 19.67 -14.92
C CYS B 205 -6.05 18.92 -14.04
N ALA B 206 -5.83 17.66 -14.34
CA ALA B 206 -4.86 16.85 -13.67
C ALA B 206 -3.94 16.20 -14.69
N THR B 207 -2.63 16.23 -14.47
CA THR B 207 -1.70 15.60 -15.40
C THR B 207 -0.79 14.65 -14.67
N LEU B 208 -0.85 13.40 -15.07
CA LEU B 208 -0.06 12.34 -14.48
C LEU B 208 0.80 11.65 -15.53
N VAL B 209 2.13 11.67 -15.43
CA VAL B 209 3.00 10.95 -16.33
C VAL B 209 3.35 9.63 -15.64
N LEU B 210 2.96 8.54 -16.27
CA LEU B 210 3.08 7.19 -15.74
C LEU B 210 4.13 6.32 -16.43
N PRO B 211 5.16 5.84 -15.75
CA PRO B 211 6.15 4.92 -16.30
C PRO B 211 5.45 3.56 -16.48
N TYR B 212 5.92 2.68 -17.35
CA TYR B 212 5.43 1.31 -17.34
C TYR B 212 5.80 0.69 -15.99
N VAL B 213 4.85 0.14 -15.25
CA VAL B 213 5.11 -0.52 -13.96
C VAL B 213 4.59 -1.95 -14.01
N ASN B 214 5.42 -2.92 -13.63
CA ASN B 214 5.04 -4.32 -13.65
C ASN B 214 6.12 -5.14 -12.98
N SER B 215 5.86 -6.38 -12.60
CA SER B 215 6.90 -7.26 -12.07
C SER B 215 7.69 -7.97 -13.18
N LEU B 216 7.46 -7.57 -14.42
CA LEU B 216 8.14 -8.07 -15.62
C LEU B 216 8.53 -6.93 -16.53
N SER B 217 9.54 -7.09 -17.36
CA SER B 217 9.89 -6.06 -18.33
C SER B 217 8.84 -5.84 -19.38
N ILE B 218 8.19 -6.91 -19.81
CA ILE B 218 7.15 -6.77 -20.79
C ILE B 218 6.10 -7.86 -20.59
N ASP B 219 4.87 -7.68 -21.01
CA ASP B 219 3.83 -8.65 -20.70
C ASP B 219 2.70 -8.61 -21.71
N SER B 220 1.68 -9.45 -21.54
CA SER B 220 0.50 -9.38 -22.39
C SER B 220 -0.44 -8.24 -22.09
N MET B 221 -0.45 -7.23 -22.95
CA MET B 221 -1.39 -6.12 -22.79
C MET B 221 -2.84 -6.54 -22.89
N VAL B 222 -3.13 -7.54 -23.71
CA VAL B 222 -4.50 -8.00 -23.86
C VAL B 222 -4.97 -8.75 -22.61
N LYS B 223 -4.10 -9.44 -21.88
CA LYS B 223 -4.51 -10.11 -20.65
C LYS B 223 -4.50 -9.28 -19.38
N HIS B 224 -3.60 -8.29 -19.37
CA HIS B 224 -3.26 -7.61 -18.14
C HIS B 224 -3.21 -6.09 -18.22
N ASN B 225 -3.96 -5.41 -17.37
CA ASN B 225 -3.85 -3.96 -17.27
C ASN B 225 -2.79 -3.53 -16.25
N ASN B 226 -1.82 -2.70 -16.62
CA ASN B 226 -0.77 -2.30 -15.67
C ASN B 226 -1.18 -1.20 -14.70
N TRP B 227 -2.04 -0.32 -15.17
CA TRP B 227 -2.47 0.82 -14.39
C TRP B 227 -3.99 1.00 -14.39
N GLY B 228 -4.52 1.45 -13.28
CA GLY B 228 -5.90 1.88 -13.25
C GLY B 228 -5.98 3.39 -13.03
N ILE B 229 -6.96 4.08 -13.61
CA ILE B 229 -7.18 5.48 -13.33
C ILE B 229 -8.48 5.55 -12.55
N ALA B 230 -8.47 6.09 -11.34
CA ALA B 230 -9.69 6.22 -10.56
C ALA B 230 -9.98 7.68 -10.25
N ILE B 231 -11.16 8.15 -10.62
CA ILE B 231 -11.56 9.53 -10.38
C ILE B 231 -12.75 9.58 -9.44
N LEU B 232 -12.59 10.11 -8.24
CA LEU B 232 -13.70 10.17 -7.30
C LEU B 232 -13.92 11.58 -6.74
N PRO B 233 -15.16 12.01 -6.52
CA PRO B 233 -15.45 13.34 -6.02
C PRO B 233 -15.08 13.38 -4.54
N LEU B 234 -14.00 14.00 -4.12
CA LEU B 234 -13.66 14.13 -2.71
C LEU B 234 -14.58 15.16 -2.07
N ALA B 235 -14.95 16.19 -2.82
CA ALA B 235 -15.92 17.16 -2.38
C ALA B 235 -16.94 17.29 -3.51
N PRO B 236 -18.24 17.22 -3.25
CA PRO B 236 -19.28 17.09 -4.28
C PRO B 236 -19.41 18.35 -5.12
N LEU B 237 -19.91 18.22 -6.33
CA LEU B 237 -20.14 19.37 -7.18
C LEU B 237 -21.25 20.26 -6.62
N ASN B 238 -21.02 21.54 -6.60
CA ASN B 238 -22.05 22.51 -6.25
C ASN B 238 -21.94 23.75 -7.09
N PHE B 239 -23.03 24.47 -7.20
CA PHE B 239 -23.05 25.66 -8.02
C PHE B 239 -24.20 26.58 -7.65
N ALA B 240 -23.84 27.86 -7.49
CA ALA B 240 -24.77 28.95 -7.10
C ALA B 240 -25.77 28.38 -6.13
N SER B 241 -27.06 28.24 -6.45
CA SER B 241 -27.93 27.51 -5.52
C SER B 241 -28.78 26.53 -6.33
N GLU B 242 -28.15 26.00 -7.39
CA GLU B 242 -28.85 25.08 -8.30
C GLU B 242 -28.90 23.69 -7.70
N SER B 243 -30.01 22.99 -7.90
CA SER B 243 -30.15 21.63 -7.35
C SER B 243 -29.53 20.55 -8.21
N SER B 244 -29.48 20.76 -9.54
CA SER B 244 -28.87 19.79 -10.47
C SER B 244 -27.78 20.32 -11.41
N PRO B 245 -26.67 20.87 -10.92
CA PRO B 245 -25.57 21.29 -11.77
C PRO B 245 -24.97 20.04 -12.42
N GLU B 246 -24.31 20.26 -13.55
CA GLU B 246 -23.58 19.24 -14.28
C GLU B 246 -22.32 19.88 -14.84
N ILE B 247 -21.14 19.27 -14.83
CA ILE B 247 -20.04 19.76 -15.66
C ILE B 247 -19.34 18.54 -16.25
N PRO B 248 -18.82 18.58 -17.46
CA PRO B 248 -18.19 17.45 -18.10
C PRO B 248 -16.80 17.18 -17.55
N ILE B 249 -16.37 15.93 -17.67
CA ILE B 249 -15.00 15.53 -17.37
C ILE B 249 -14.50 14.83 -18.62
N THR B 250 -13.36 15.24 -19.16
CA THR B 250 -12.78 14.59 -20.32
C THR B 250 -11.38 14.04 -20.07
N LEU B 251 -11.17 12.81 -20.49
CA LEU B 251 -9.87 12.15 -20.44
C LEU B 251 -9.15 12.09 -21.76
N THR B 252 -7.90 12.51 -21.71
CA THR B 252 -7.06 12.42 -22.89
C THR B 252 -5.76 11.75 -22.48
N ILE B 253 -5.37 10.68 -23.14
CA ILE B 253 -4.23 9.88 -22.72
C ILE B 253 -3.29 9.60 -23.89
N ALA B 254 -2.00 9.79 -23.68
CA ALA B 254 -1.03 9.47 -24.70
C ALA B 254 -0.12 8.34 -24.25
N PRO B 255 -0.02 7.23 -24.97
CA PRO B 255 1.04 6.27 -24.73
C PRO B 255 2.40 6.89 -24.94
N MET B 256 3.39 6.40 -24.20
CA MET B 256 4.76 6.89 -24.26
C MET B 256 5.75 5.73 -24.22
N CYS B 257 6.77 5.74 -25.07
CA CYS B 257 7.77 4.69 -25.15
C CYS B 257 7.15 3.30 -25.28
N CYS B 258 6.17 3.12 -26.15
CA CYS B 258 5.58 1.80 -26.25
C CYS B 258 6.32 0.92 -27.22
N GLU B 259 6.53 -0.30 -26.82
CA GLU B 259 7.21 -1.24 -27.66
C GLU B 259 6.55 -2.61 -27.56
N PHE B 260 6.67 -3.35 -28.64
CA PHE B 260 5.92 -4.58 -28.75
C PHE B 260 6.73 -5.75 -29.27
N ASN B 261 6.45 -6.96 -28.83
CA ASN B 261 7.16 -8.13 -29.32
C ASN B 261 6.22 -9.29 -29.63
N GLY B 262 6.71 -10.23 -30.42
CA GLY B 262 5.95 -11.42 -30.74
C GLY B 262 4.81 -11.17 -31.71
N LEU B 263 5.17 -10.67 -32.88
CA LEU B 263 4.20 -10.35 -33.90
C LEU B 263 3.55 -11.59 -34.51
N ARG B 264 2.25 -11.60 -34.76
CA ARG B 264 1.58 -12.73 -35.42
C ARG B 264 0.31 -12.20 -36.06
N ASN B 265 -0.70 -13.03 -36.31
CA ASN B 265 -1.99 -12.55 -36.74
C ASN B 265 -2.68 -11.75 -35.64
N ILE B 266 -3.67 -10.95 -35.98
CA ILE B 266 -4.29 -10.11 -34.97
C ILE B 266 -5.19 -10.83 -33.96
N THR B 267 -5.06 -10.47 -32.71
CA THR B 267 -5.99 -10.91 -31.68
C THR B 267 -7.38 -10.34 -31.87
N LEU B 268 -8.38 -11.21 -31.86
CA LEU B 268 -9.77 -10.77 -31.97
C LEU B 268 -10.58 -11.21 -30.75
N PRO B 269 -10.65 -10.37 -29.72
CA PRO B 269 -11.02 -10.77 -28.38
C PRO B 269 -12.55 -10.86 -28.29
N ARG B 270 -13.10 -11.64 -27.38
CA ARG B 270 -14.53 -11.62 -27.10
C ARG B 270 -14.79 -10.50 -26.11
N LEU B 271 -15.35 -9.39 -26.55
CA LEU B 271 -15.59 -8.26 -25.65
C LEU B 271 -17.01 -7.99 -25.16
N GLN B 272 -17.98 -8.75 -25.65
CA GLN B 272 -19.35 -8.63 -25.14
C GLN B 272 -19.83 -9.99 -24.64
N GLY C 1 34.91 -35.66 19.22
CA GLY C 1 34.34 -34.43 18.68
C GLY C 1 34.75 -33.24 19.53
N LEU C 2 34.59 -31.99 19.08
CA LEU C 2 34.89 -30.85 19.91
C LEU C 2 33.99 -30.88 21.14
N PRO C 3 34.49 -30.86 22.36
CA PRO C 3 33.61 -30.78 23.52
C PRO C 3 32.78 -29.52 23.56
N VAL C 4 31.46 -29.72 23.60
CA VAL C 4 30.52 -28.63 23.65
C VAL C 4 29.52 -28.74 24.78
N MET C 5 28.88 -27.66 25.17
CA MET C 5 27.91 -27.71 26.24
C MET C 5 26.70 -26.85 25.92
N ASN C 6 25.54 -27.47 25.77
CA ASN C 6 24.33 -26.75 25.39
C ASN C 6 23.85 -25.75 26.42
N THR C 7 23.50 -24.58 25.99
CA THR C 7 23.03 -23.58 26.93
C THR C 7 21.52 -23.47 26.90
N PRO C 8 20.90 -22.75 27.84
CA PRO C 8 19.51 -22.39 27.68
C PRO C 8 19.23 -21.65 26.39
N GLY C 9 18.04 -21.93 25.87
CA GLY C 9 17.62 -21.48 24.56
C GLY C 9 17.73 -22.60 23.53
N SER C 10 18.57 -23.59 23.80
CA SER C 10 18.73 -24.71 22.89
C SER C 10 17.46 -25.41 22.44
N ASN C 11 17.32 -25.53 21.13
CA ASN C 11 16.18 -26.12 20.42
C ASN C 11 14.90 -25.31 20.38
N GLN C 12 14.87 -24.12 20.98
CA GLN C 12 13.66 -23.31 20.88
C GLN C 12 13.49 -22.70 19.48
N TYR C 13 12.27 -22.34 19.15
CA TYR C 13 12.03 -21.58 17.95
C TYR C 13 11.47 -20.22 18.34
N LEU C 14 12.30 -19.22 18.35
CA LEU C 14 11.91 -17.84 18.54
C LEU C 14 11.56 -17.28 17.16
N THR C 15 10.32 -16.83 17.00
CA THR C 15 9.88 -16.39 15.68
C THR C 15 10.56 -15.12 15.18
N ALA C 16 11.18 -14.39 16.10
CA ALA C 16 11.99 -13.23 15.71
C ALA C 16 13.47 -13.57 15.57
N ASP C 17 13.88 -14.84 15.57
CA ASP C 17 15.30 -15.12 15.45
C ASP C 17 15.84 -14.77 14.07
N ASN C 18 17.14 -14.91 13.89
CA ASN C 18 17.79 -14.53 12.66
C ASN C 18 19.02 -15.41 12.45
N PHE C 19 18.78 -16.63 12.07
CA PHE C 19 19.80 -17.63 11.85
C PHE C 19 19.87 -18.11 10.42
N GLN C 20 20.98 -18.75 10.11
CA GLN C 20 21.12 -19.42 8.84
C GLN C 20 20.34 -20.71 8.80
N SER C 21 19.98 -21.23 7.64
CA SER C 21 19.34 -22.53 7.55
C SER C 21 19.60 -23.12 6.17
N PRO C 22 19.64 -24.44 5.97
CA PRO C 22 19.97 -25.06 4.70
C PRO C 22 18.99 -24.71 3.60
N CYS C 23 19.43 -24.62 2.37
CA CYS C 23 18.57 -24.26 1.26
C CYS C 23 17.87 -25.47 0.63
N ALA C 24 16.56 -25.52 0.46
CA ALA C 24 15.91 -26.67 -0.16
C ALA C 24 16.05 -26.73 -1.67
N LEU C 25 16.52 -25.66 -2.30
CA LEU C 25 16.71 -25.59 -3.75
C LEU C 25 18.10 -25.06 -4.12
N PRO C 26 19.15 -25.82 -3.84
CA PRO C 26 20.55 -25.41 -4.04
C PRO C 26 20.79 -25.12 -5.50
N GLU C 27 21.68 -24.16 -5.78
CA GLU C 27 22.01 -23.77 -7.15
C GLU C 27 20.84 -23.37 -8.04
N PHE C 28 19.72 -23.00 -7.44
CA PHE C 28 18.59 -22.50 -8.21
C PHE C 28 18.99 -21.30 -9.07
N ASP C 29 18.58 -21.24 -10.32
CA ASP C 29 18.90 -20.08 -11.14
C ASP C 29 17.95 -18.90 -10.92
N VAL C 30 18.22 -18.08 -9.93
CA VAL C 30 17.36 -16.97 -9.56
C VAL C 30 17.16 -15.92 -10.63
N THR C 31 15.93 -15.54 -10.93
CA THR C 31 15.68 -14.40 -11.78
C THR C 31 16.17 -13.09 -11.18
N PRO C 32 16.92 -12.29 -11.91
CA PRO C 32 17.48 -11.03 -11.45
C PRO C 32 16.38 -9.99 -11.27
N PRO C 33 16.59 -8.95 -10.49
CA PRO C 33 15.67 -7.85 -10.34
C PRO C 33 15.67 -7.00 -11.59
N ILE C 34 14.62 -6.24 -11.80
CA ILE C 34 14.65 -5.17 -12.78
C ILE C 34 14.37 -3.90 -11.96
N ASP C 35 14.61 -2.73 -12.50
CA ASP C 35 14.38 -1.51 -11.77
C ASP C 35 12.92 -1.07 -11.82
N ILE C 36 12.11 -1.66 -10.96
CA ILE C 36 10.69 -1.33 -10.90
C ILE C 36 10.54 0.04 -10.26
N PRO C 37 9.82 1.00 -10.82
CA PRO C 37 9.55 2.25 -10.12
C PRO C 37 8.85 2.09 -8.79
N GLY C 38 9.08 2.98 -7.85
CA GLY C 38 8.35 2.97 -6.58
C GLY C 38 8.92 2.12 -5.46
N GLU C 39 10.21 1.78 -5.45
CA GLU C 39 10.74 1.02 -4.33
C GLU C 39 10.64 1.77 -3.01
N VAL C 40 10.32 1.07 -1.92
CA VAL C 40 10.25 1.67 -0.59
C VAL C 40 11.36 1.07 0.28
N LYS C 41 12.11 1.88 1.04
CA LYS C 41 13.12 1.33 1.95
C LYS C 41 12.75 1.33 3.45
N ASN C 42 11.80 2.15 3.87
CA ASN C 42 11.41 2.23 5.27
C ASN C 42 9.93 2.56 5.41
N MET C 43 9.18 1.95 6.32
CA MET C 43 7.77 2.22 6.47
C MET C 43 7.46 3.68 6.79
N MET C 44 8.40 4.39 7.43
CA MET C 44 8.16 5.79 7.71
C MET C 44 8.10 6.66 6.47
N GLU C 45 8.62 6.20 5.32
CA GLU C 45 8.43 6.95 4.08
C GLU C 45 6.93 7.04 3.77
N LEU C 46 6.20 5.95 4.02
CA LEU C 46 4.76 5.95 3.76
C LEU C 46 4.03 6.86 4.75
N ALA C 47 4.50 6.89 5.98
CA ALA C 47 3.94 7.78 6.98
C ALA C 47 4.15 9.26 6.67
N GLU C 48 5.16 9.61 5.88
CA GLU C 48 5.35 11.00 5.49
C GLU C 48 4.44 11.47 4.34
N ILE C 49 3.64 10.57 3.76
CA ILE C 49 2.72 10.96 2.68
C ILE C 49 1.40 11.47 3.26
N ASP C 50 0.92 12.62 2.83
CA ASP C 50 -0.40 13.05 3.27
C ASP C 50 -1.54 12.07 2.98
N THR C 51 -2.30 11.59 3.95
CA THR C 51 -3.54 10.90 3.61
C THR C 51 -4.73 11.56 4.30
N MET C 52 -5.93 11.38 3.75
CA MET C 52 -7.09 12.15 4.18
C MET C 52 -7.79 11.65 5.45
N ILE C 53 -8.13 12.55 6.36
CA ILE C 53 -8.71 12.18 7.65
C ILE C 53 -10.25 12.00 7.62
N PRO C 54 -10.80 10.89 8.10
CA PRO C 54 -12.25 10.68 8.20
C PRO C 54 -12.73 11.48 9.42
N PHE C 55 -12.79 12.79 9.36
CA PHE C 55 -13.17 13.60 10.52
C PHE C 55 -14.57 13.42 11.07
N ASP C 56 -15.54 13.26 10.18
CA ASP C 56 -16.90 13.24 10.63
C ASP C 56 -17.47 11.83 10.74
N LEU C 57 -17.24 11.17 11.85
CA LEU C 57 -17.73 9.81 12.03
C LEU C 57 -19.08 9.73 12.72
N SER C 58 -20.01 10.57 12.29
CA SER C 58 -21.35 10.52 12.88
C SER C 58 -22.02 9.23 12.44
N ALA C 59 -23.05 8.79 13.15
CA ALA C 59 -23.73 7.55 12.80
C ALA C 59 -24.17 7.43 11.36
N THR C 60 -24.56 8.53 10.74
CA THR C 60 -24.94 8.43 9.33
C THR C 60 -23.81 8.71 8.36
N LYS C 61 -22.73 9.37 8.78
CA LYS C 61 -21.65 9.62 7.84
C LYS C 61 -20.50 8.63 7.87
N LYS C 62 -20.27 7.97 9.00
CA LYS C 62 -19.18 7.02 9.11
C LYS C 62 -19.28 5.93 8.06
N ASN C 63 -18.16 5.43 7.55
CA ASN C 63 -18.18 4.41 6.49
C ASN C 63 -18.90 4.84 5.22
N THR C 64 -18.87 6.13 4.91
CA THR C 64 -19.34 6.63 3.63
C THR C 64 -18.36 7.72 3.18
N MET C 65 -18.35 8.14 1.92
CA MET C 65 -17.53 9.27 1.46
C MET C 65 -17.76 10.54 2.27
N GLU C 66 -18.93 10.70 2.89
CA GLU C 66 -19.19 11.92 3.64
C GLU C 66 -18.34 12.06 4.89
N MET C 67 -17.79 10.97 5.43
CA MET C 67 -16.95 11.08 6.62
C MET C 67 -15.71 11.94 6.43
N TYR C 68 -15.24 12.11 5.19
CA TYR C 68 -14.06 12.90 4.91
C TYR C 68 -14.34 14.39 4.76
N ARG C 69 -15.59 14.79 4.64
CA ARG C 69 -15.92 16.18 4.39
C ARG C 69 -16.29 16.98 5.63
N VAL C 70 -15.53 18.01 5.94
CA VAL C 70 -15.90 18.87 7.05
C VAL C 70 -16.67 20.05 6.49
N ARG C 71 -17.95 20.14 6.82
CA ARG C 71 -18.76 21.20 6.27
C ARG C 71 -18.63 22.56 6.96
N LEU C 72 -18.35 23.59 6.19
CA LEU C 72 -18.35 24.94 6.70
C LEU C 72 -19.52 25.74 6.08
N SER C 73 -19.82 26.91 6.61
CA SER C 73 -20.81 27.74 5.95
C SER C 73 -20.52 29.21 6.18
N ASP C 74 -21.19 30.12 5.50
CA ASP C 74 -20.94 31.53 5.70
C ASP C 74 -21.67 32.15 6.89
N LYS C 75 -22.08 31.33 7.85
CA LYS C 75 -22.79 31.83 9.01
C LYS C 75 -21.99 32.87 9.80
N PRO C 76 -22.62 33.75 10.56
CA PRO C 76 -21.90 34.73 11.37
C PRO C 76 -20.85 34.13 12.28
N HIS C 77 -19.84 34.94 12.54
CA HIS C 77 -18.74 34.50 13.39
C HIS C 77 -19.22 33.86 14.67
N THR C 78 -18.62 32.73 14.95
CA THR C 78 -18.82 32.06 16.23
C THR C 78 -17.45 31.73 16.80
N ASP C 79 -17.30 31.62 18.10
CA ASP C 79 -16.07 31.09 18.69
C ASP C 79 -16.12 29.61 18.99
N ASP C 80 -17.18 28.96 18.53
CA ASP C 80 -17.32 27.53 18.73
C ASP C 80 -16.60 26.68 17.71
N PRO C 81 -16.11 25.50 18.03
CA PRO C 81 -15.26 24.70 17.16
C PRO C 81 -15.89 24.19 15.89
N ILE C 82 -15.16 24.14 14.78
CA ILE C 82 -15.56 23.40 13.59
C ILE C 82 -15.30 21.91 13.83
N LEU C 83 -14.19 21.56 14.46
CA LEU C 83 -13.87 20.16 14.72
C LEU C 83 -12.97 20.06 15.93
N CYS C 84 -12.97 18.91 16.57
CA CYS C 84 -12.17 18.63 17.75
C CYS C 84 -11.62 17.23 17.64
N LEU C 85 -10.33 17.05 17.81
CA LEU C 85 -9.72 15.75 17.62
C LEU C 85 -8.61 15.54 18.65
N SER C 86 -8.43 14.35 19.17
CA SER C 86 -7.32 14.12 20.11
C SER C 86 -6.03 13.70 19.46
N LEU C 87 -4.87 14.17 19.90
CA LEU C 87 -3.62 13.75 19.29
C LEU C 87 -3.17 12.38 19.80
N SER C 88 -3.90 11.38 19.31
CA SER C 88 -3.61 9.99 19.59
C SER C 88 -3.60 9.27 18.25
N PRO C 89 -2.53 9.35 17.48
CA PRO C 89 -2.53 9.07 16.05
C PRO C 89 -2.84 7.59 15.78
N ALA C 90 -2.60 6.66 16.68
CA ALA C 90 -2.94 5.26 16.43
C ALA C 90 -4.25 4.79 17.04
N SER C 91 -4.92 5.64 17.78
CA SER C 91 -6.10 5.16 18.49
C SER C 91 -7.29 6.08 18.47
N ASP C 92 -7.19 7.38 18.25
CA ASP C 92 -8.37 8.19 18.01
C ASP C 92 -9.00 7.68 16.70
N PRO C 93 -10.29 7.40 16.61
CA PRO C 93 -10.93 6.78 15.44
C PRO C 93 -10.78 7.57 14.15
N ARG C 94 -10.60 8.88 14.26
CA ARG C 94 -10.36 9.69 13.08
C ARG C 94 -8.94 9.60 12.51
N LEU C 95 -7.96 9.23 13.33
CA LEU C 95 -6.59 9.15 12.85
C LEU C 95 -6.11 7.72 12.65
N SER C 96 -6.66 6.76 13.40
CA SER C 96 -6.12 5.41 13.38
C SER C 96 -6.21 4.65 12.07
N HIS C 97 -7.09 5.06 11.16
CA HIS C 97 -7.18 4.37 9.89
C HIS C 97 -6.60 5.18 8.73
N THR C 98 -5.93 6.29 9.04
CA THR C 98 -5.14 6.98 8.02
C THR C 98 -3.89 6.15 7.75
N MET C 99 -3.13 6.33 6.66
CA MET C 99 -1.90 5.55 6.46
C MET C 99 -0.94 5.67 7.65
N LEU C 100 -0.77 6.87 8.22
CA LEU C 100 0.04 7.03 9.42
C LEU C 100 -0.47 6.17 10.58
N GLY C 101 -1.78 6.24 10.84
CA GLY C 101 -2.37 5.46 11.92
C GLY C 101 -2.25 3.95 11.71
N GLU C 102 -2.47 3.47 10.48
CA GLU C 102 -2.45 2.05 10.24
C GLU C 102 -1.00 1.50 10.35
N ILE C 103 0.03 2.28 10.01
CA ILE C 103 1.41 1.86 10.26
C ILE C 103 1.76 1.92 11.74
N LEU C 104 1.32 2.96 12.44
CA LEU C 104 1.53 3.02 13.87
C LEU C 104 0.85 1.87 14.62
N ASN C 105 -0.21 1.26 14.07
CA ASN C 105 -0.77 0.12 14.76
C ASN C 105 0.00 -1.19 14.60
N TYR C 106 1.11 -1.19 13.86
CA TYR C 106 2.04 -2.31 13.90
C TYR C 106 3.23 -2.02 14.82
N TYR C 107 3.20 -0.92 15.56
CA TYR C 107 4.27 -0.61 16.50
C TYR C 107 3.69 -0.19 17.85
N THR C 108 4.43 -0.36 18.92
CA THR C 108 3.95 -0.03 20.26
C THR C 108 4.21 1.42 20.63
N HIS C 109 5.28 1.97 20.07
CA HIS C 109 5.72 3.32 20.44
C HIS C 109 5.89 4.26 19.27
N TRP C 110 5.52 5.53 19.42
CA TRP C 110 5.73 6.51 18.36
C TRP C 110 6.38 7.77 18.90
N ALA C 111 7.12 8.48 18.08
CA ALA C 111 7.68 9.75 18.50
C ALA C 111 7.95 10.68 17.34
N GLY C 112 7.94 11.98 17.61
CA GLY C 112 8.21 12.95 16.56
C GLY C 112 7.06 13.89 16.23
N SER C 113 7.36 14.82 15.35
CA SER C 113 6.39 15.78 14.89
C SER C 113 5.53 15.30 13.74
N LEU C 114 4.32 15.83 13.74
CA LEU C 114 3.26 15.54 12.79
C LEU C 114 2.79 16.80 12.12
N LYS C 115 2.05 16.71 11.03
CA LYS C 115 1.48 17.89 10.44
C LYS C 115 0.13 17.65 9.79
N PHE C 116 -0.74 18.63 9.99
CA PHE C 116 -2.09 18.60 9.46
C PHE C 116 -2.25 19.63 8.38
N THR C 117 -2.65 19.22 7.20
CA THR C 117 -2.88 20.18 6.14
C THR C 117 -4.33 20.19 5.72
N PHE C 118 -4.93 21.37 5.68
CA PHE C 118 -6.31 21.49 5.26
C PHE C 118 -6.46 22.09 3.86
N LEU C 119 -7.35 21.52 3.06
CA LEU C 119 -7.67 21.98 1.72
C LEU C 119 -9.06 22.63 1.65
N PHE C 120 -9.16 23.89 1.23
CA PHE C 120 -10.46 24.52 1.11
C PHE C 120 -11.12 24.13 -0.22
N CYS C 121 -12.31 23.54 -0.20
CA CYS C 121 -12.97 23.19 -1.46
C CYS C 121 -14.21 23.98 -1.80
N GLY C 122 -14.32 25.20 -1.28
CA GLY C 122 -15.41 26.07 -1.70
C GLY C 122 -15.13 26.70 -3.06
N SER C 123 -15.99 27.59 -3.52
CA SER C 123 -15.75 28.27 -4.78
C SER C 123 -14.62 29.28 -4.72
N MET C 124 -14.11 29.76 -5.83
CA MET C 124 -13.04 30.75 -5.83
C MET C 124 -13.49 32.08 -5.22
N MET C 125 -14.78 32.38 -5.37
CA MET C 125 -15.35 33.59 -4.81
C MET C 125 -15.51 33.55 -3.29
N ALA C 126 -15.36 32.40 -2.64
CA ALA C 126 -15.50 32.35 -1.19
C ALA C 126 -14.22 32.74 -0.47
N THR C 127 -14.31 33.56 0.57
CA THR C 127 -13.14 33.91 1.35
C THR C 127 -13.29 33.53 2.81
N GLY C 128 -12.23 33.66 3.59
CA GLY C 128 -12.35 33.39 5.00
C GLY C 128 -11.02 33.20 5.73
N LYS C 129 -11.06 33.38 7.04
CA LYS C 129 -9.91 33.09 7.84
C LYS C 129 -10.29 32.10 8.93
N LEU C 130 -9.51 31.05 9.08
CA LEU C 130 -9.75 30.04 10.09
C LEU C 130 -8.56 29.95 11.04
N LEU C 131 -8.74 29.41 12.23
CA LEU C 131 -7.64 29.23 13.16
C LEU C 131 -7.51 27.75 13.45
N VAL C 132 -6.35 27.19 13.17
CA VAL C 132 -6.06 25.79 13.40
C VAL C 132 -5.17 25.71 14.64
N SER C 133 -5.53 24.88 15.59
CA SER C 133 -4.84 24.84 16.86
C SER C 133 -4.41 23.49 17.41
N TYR C 134 -3.27 23.48 18.05
CA TYR C 134 -2.79 22.33 18.80
C TYR C 134 -2.49 22.77 20.23
N ALA C 135 -3.18 22.17 21.17
CA ALA C 135 -2.97 22.46 22.58
C ALA C 135 -2.34 21.24 23.25
N PRO C 136 -1.07 21.28 23.64
CA PRO C 136 -0.48 20.21 24.40
C PRO C 136 -1.24 19.90 25.69
N PRO C 137 -1.22 18.66 26.18
CA PRO C 137 -2.20 18.15 27.13
C PRO C 137 -2.04 18.76 28.52
N GLY C 138 -2.96 18.44 29.41
CA GLY C 138 -2.83 18.84 30.81
C GLY C 138 -3.78 19.94 31.25
N ALA C 139 -4.53 20.54 30.35
CA ALA C 139 -5.51 21.55 30.71
C ALA C 139 -6.86 21.21 30.10
N ASP C 140 -7.90 21.98 30.39
CA ASP C 140 -9.20 21.77 29.78
C ASP C 140 -9.11 21.78 28.27
N PRO C 141 -9.56 20.76 27.56
CA PRO C 141 -9.49 20.74 26.12
C PRO C 141 -10.20 21.91 25.50
N PRO C 142 -9.67 22.61 24.51
CA PRO C 142 -10.27 23.84 24.05
C PRO C 142 -11.61 23.63 23.40
N LYS C 143 -12.61 24.34 23.89
CA LYS C 143 -13.91 24.35 23.25
C LYS C 143 -14.32 25.71 22.77
N LYS C 144 -13.49 26.70 23.02
CA LYS C 144 -13.71 28.05 22.56
C LYS C 144 -12.45 28.57 21.93
N ARG C 145 -12.57 29.41 20.92
CA ARG C 145 -11.39 30.00 20.30
C ARG C 145 -10.42 30.67 21.28
N LYS C 146 -10.94 31.35 22.29
CA LYS C 146 -10.15 32.00 23.34
C LYS C 146 -9.11 31.08 23.98
N GLU C 147 -9.51 29.85 24.26
CA GLU C 147 -8.55 28.91 24.78
C GLU C 147 -7.67 28.30 23.71
N ALA C 148 -8.22 27.95 22.56
CA ALA C 148 -7.41 27.34 21.52
C ALA C 148 -6.27 28.22 21.01
N MET C 149 -6.54 29.52 20.99
CA MET C 149 -5.64 30.55 20.53
C MET C 149 -4.41 30.71 21.42
N LEU C 150 -4.48 30.23 22.65
CA LEU C 150 -3.35 30.24 23.55
C LEU C 150 -2.34 29.15 23.30
N GLY C 151 -2.68 28.11 22.56
CA GLY C 151 -1.71 27.06 22.25
C GLY C 151 -1.01 27.28 20.91
N THR C 152 -0.37 26.25 20.36
CA THR C 152 0.27 26.32 19.07
C THR C 152 -0.81 26.53 18.04
N HIS C 153 -0.68 27.44 17.10
CA HIS C 153 -1.72 27.59 16.10
C HIS C 153 -1.33 28.32 14.84
N VAL C 154 -2.08 28.11 13.78
CA VAL C 154 -1.88 28.82 12.54
C VAL C 154 -3.19 29.51 12.16
N ILE C 155 -3.16 30.79 11.85
CA ILE C 155 -4.34 31.45 11.31
C ILE C 155 -4.26 31.37 9.80
N TRP C 156 -5.17 30.63 9.21
CA TRP C 156 -5.21 30.39 7.79
C TRP C 156 -6.06 31.39 7.02
N ASP C 157 -5.42 32.08 6.10
CA ASP C 157 -6.16 32.94 5.19
C ASP C 157 -6.48 32.21 3.90
N ILE C 158 -7.75 32.02 3.60
CA ILE C 158 -8.13 31.30 2.39
C ILE C 158 -7.87 32.12 1.13
N GLY C 159 -7.33 31.53 0.10
CA GLY C 159 -7.01 32.30 -1.08
C GLY C 159 -6.41 31.45 -2.19
N LEU C 160 -5.60 32.01 -3.09
CA LEU C 160 -5.09 31.22 -4.21
C LEU C 160 -4.26 30.02 -3.78
N GLN C 161 -3.39 30.13 -2.76
CA GLN C 161 -2.78 28.91 -2.24
C GLN C 161 -3.90 28.27 -1.43
N SER C 162 -4.44 27.21 -1.98
CA SER C 162 -5.63 26.54 -1.48
C SER C 162 -5.63 25.89 -0.11
N SER C 163 -4.42 25.60 0.32
CA SER C 163 -4.22 24.77 1.49
C SER C 163 -3.32 25.36 2.55
N CYS C 164 -3.45 24.87 3.77
CA CYS C 164 -2.63 25.39 4.85
C CYS C 164 -2.19 24.31 5.81
N THR C 165 -0.94 24.35 6.22
CA THR C 165 -0.37 23.31 7.06
C THR C 165 -0.11 23.79 8.47
N MET C 166 -0.57 23.08 9.49
CA MET C 166 -0.14 23.36 10.85
C MET C 166 0.77 22.22 11.29
N VAL C 167 1.96 22.53 11.78
CA VAL C 167 2.86 21.52 12.30
C VAL C 167 2.58 21.30 13.79
N VAL C 168 2.40 20.05 14.19
CA VAL C 168 2.26 19.68 15.58
C VAL C 168 3.65 19.27 16.06
N PRO C 169 4.40 20.17 16.70
CA PRO C 169 5.77 19.90 17.07
C PRO C 169 5.78 18.80 18.11
N TRP C 170 6.75 17.91 18.08
CA TRP C 170 6.88 16.92 19.13
C TRP C 170 7.07 17.57 20.49
N ILE C 171 6.03 17.57 21.30
CA ILE C 171 6.08 18.11 22.65
C ILE C 171 5.53 17.01 23.54
N SER C 172 6.40 16.37 24.30
CA SER C 172 6.05 15.18 25.06
C SER C 172 6.90 15.00 26.29
N ASN C 173 6.38 14.43 27.36
CA ASN C 173 7.21 14.17 28.53
C ASN C 173 8.03 12.91 28.24
N THR C 174 7.44 11.84 27.75
CA THR C 174 8.21 10.65 27.48
C THR C 174 8.96 10.74 26.16
N THR C 175 9.99 9.94 25.98
CA THR C 175 10.74 9.98 24.73
C THR C 175 10.02 9.29 23.59
N TYR C 176 9.04 8.46 23.90
CA TYR C 176 8.14 7.85 22.94
C TYR C 176 6.77 7.76 23.58
N ARG C 177 5.71 7.85 22.80
CA ARG C 177 4.36 7.66 23.31
C ARG C 177 3.81 6.29 22.95
N GLN C 178 2.81 5.83 23.69
CA GLN C 178 2.17 4.57 23.36
C GLN C 178 1.25 4.68 22.16
N THR C 179 1.06 3.64 21.37
CA THR C 179 0.09 3.70 20.27
C THR C 179 -1.29 3.22 20.67
N ILE C 180 -1.69 3.49 21.91
CA ILE C 180 -3.02 3.18 22.41
C ILE C 180 -3.49 4.41 23.19
N ASP C 181 -4.76 4.55 23.52
CA ASP C 181 -5.19 5.65 24.37
C ASP C 181 -4.60 5.45 25.76
N ASP C 182 -3.83 6.41 26.21
CA ASP C 182 -3.17 6.26 27.48
C ASP C 182 -2.93 7.61 28.10
N SER C 183 -3.35 7.87 29.31
CA SER C 183 -3.15 9.19 29.89
C SER C 183 -1.76 9.68 30.12
N PHE C 184 -0.90 8.80 30.59
CA PHE C 184 0.48 9.17 30.82
C PHE C 184 1.17 9.65 29.56
N THR C 185 0.86 9.05 28.42
CA THR C 185 1.49 9.52 27.20
C THR C 185 0.51 10.21 26.29
N GLU C 186 -0.50 10.86 26.87
CA GLU C 186 -1.44 11.59 26.05
C GLU C 186 -0.79 12.73 25.23
N GLY C 187 -1.29 13.03 24.06
CA GLY C 187 -0.67 14.03 23.19
C GLY C 187 -1.36 15.39 23.11
N GLY C 188 -2.56 15.60 23.63
CA GLY C 188 -3.15 16.92 23.52
C GLY C 188 -4.28 17.03 22.49
N TYR C 189 -4.58 18.26 22.08
CA TYR C 189 -5.82 18.53 21.36
C TYR C 189 -5.69 19.32 20.07
N ILE C 190 -6.28 18.82 19.00
CA ILE C 190 -6.30 19.52 17.74
C ILE C 190 -7.69 20.09 17.51
N SER C 191 -7.78 21.35 17.15
CA SER C 191 -9.08 21.92 16.87
C SER C 191 -9.05 23.00 15.81
N VAL C 192 -10.17 23.24 15.14
CA VAL C 192 -10.24 24.28 14.12
C VAL C 192 -11.40 25.22 14.45
N PHE C 193 -11.21 26.52 14.33
CA PHE C 193 -12.20 27.54 14.62
C PHE C 193 -12.37 28.55 13.50
N TYR C 194 -13.49 29.23 13.43
CA TYR C 194 -13.60 30.35 12.51
C TYR C 194 -12.86 31.53 13.09
N GLN C 195 -11.95 32.15 12.34
CA GLN C 195 -11.25 33.32 12.85
C GLN C 195 -12.06 34.57 12.54
N THR C 196 -12.46 34.74 11.28
CA THR C 196 -13.43 35.78 10.94
C THR C 196 -14.71 35.02 10.58
N ARG C 197 -15.13 34.85 9.34
CA ARG C 197 -16.20 33.93 8.98
C ARG C 197 -16.02 33.63 7.49
N ILE C 198 -16.66 32.61 6.94
CA ILE C 198 -16.61 32.42 5.51
C ILE C 198 -17.51 33.48 4.89
N VAL C 199 -17.05 34.19 3.88
CA VAL C 199 -17.89 35.15 3.21
C VAL C 199 -18.00 34.80 1.73
N VAL C 200 -19.22 34.85 1.19
CA VAL C 200 -19.42 34.66 -0.24
C VAL C 200 -20.24 35.80 -0.82
N PRO C 201 -20.14 36.11 -2.10
CA PRO C 201 -20.94 37.11 -2.76
C PRO C 201 -22.31 36.44 -3.04
N LEU C 202 -23.24 37.12 -3.69
CA LEU C 202 -24.46 36.44 -4.14
C LEU C 202 -24.20 35.40 -5.22
N SER C 203 -25.15 34.52 -5.49
CA SER C 203 -25.03 33.50 -6.55
C SER C 203 -23.89 32.52 -6.36
N THR C 204 -23.60 32.30 -5.10
CA THR C 204 -22.47 31.48 -4.73
C THR C 204 -22.88 30.48 -3.68
N PRO C 205 -22.45 29.22 -3.66
CA PRO C 205 -22.77 28.34 -2.54
C PRO C 205 -22.30 28.85 -1.18
N ARG C 206 -23.25 28.86 -0.26
CA ARG C 206 -22.99 29.35 1.09
C ARG C 206 -22.46 28.31 2.07
N GLU C 207 -22.46 27.08 1.61
CA GLU C 207 -21.90 25.98 2.37
C GLU C 207 -20.87 25.28 1.52
N MET C 208 -19.81 24.80 2.13
CA MET C 208 -18.79 24.11 1.36
C MET C 208 -17.95 23.25 2.29
N ASP C 209 -17.13 22.39 1.72
CA ASP C 209 -16.32 21.50 2.51
C ASP C 209 -14.84 21.83 2.55
N ILE C 210 -14.22 21.47 3.66
CA ILE C 210 -12.78 21.41 3.69
C ILE C 210 -12.40 19.95 3.93
N LEU C 211 -11.23 19.57 3.43
CA LEU C 211 -10.69 18.24 3.61
C LEU C 211 -9.39 18.37 4.40
N GLY C 212 -9.09 17.47 5.32
CA GLY C 212 -7.86 17.52 6.07
C GLY C 212 -6.97 16.32 5.85
N PHE C 213 -5.67 16.52 5.93
CA PHE C 213 -4.70 15.47 5.72
C PHE C 213 -3.68 15.41 6.85
N VAL C 214 -3.19 14.22 7.17
CA VAL C 214 -2.14 14.10 8.16
C VAL C 214 -0.94 13.34 7.60
N SER C 215 0.23 13.79 8.02
CA SER C 215 1.46 13.09 7.68
C SER C 215 2.56 13.31 8.71
N ALA C 216 3.51 12.40 8.78
CA ALA C 216 4.64 12.54 9.69
C ALA C 216 5.72 13.49 9.19
N CYS C 217 6.46 14.14 10.07
CA CYS C 217 7.60 14.96 9.65
C CYS C 217 8.86 14.13 9.53
N ASN C 218 10.01 14.67 9.10
CA ASN C 218 11.23 13.87 8.98
C ASN C 218 11.86 13.50 10.32
N ASP C 219 11.31 13.93 11.46
CA ASP C 219 11.88 13.52 12.75
C ASP C 219 11.05 12.41 13.41
N PHE C 220 10.17 11.78 12.63
CA PHE C 220 9.23 10.84 13.18
C PHE C 220 9.71 9.39 13.15
N SER C 221 9.55 8.68 14.25
CA SER C 221 9.92 7.27 14.25
C SER C 221 9.01 6.42 15.09
N VAL C 222 9.06 5.14 14.85
CA VAL C 222 8.29 4.17 15.61
C VAL C 222 9.15 3.01 16.04
N ARG C 223 8.71 2.30 17.06
CA ARG C 223 9.44 1.11 17.48
C ARG C 223 8.54 0.12 18.24
N LEU C 224 9.14 -1.02 18.52
CA LEU C 224 8.56 -2.23 19.09
C LEU C 224 7.42 -2.77 18.24
N LEU C 225 7.83 -3.53 17.25
CA LEU C 225 6.92 -4.15 16.32
C LEU C 225 5.87 -4.98 17.06
N ARG C 226 4.64 -4.94 16.61
CA ARG C 226 3.55 -5.66 17.23
C ARG C 226 2.45 -5.93 16.22
N ASP C 227 1.59 -6.93 16.49
CA ASP C 227 0.43 -7.11 15.63
C ASP C 227 -0.62 -6.03 15.79
N THR C 228 -1.39 -5.84 14.74
CA THR C 228 -2.42 -4.81 14.75
C THR C 228 -3.75 -5.36 15.17
N THR C 229 -4.61 -4.55 15.72
CA THR C 229 -5.98 -4.97 15.96
C THR C 229 -6.82 -4.65 14.74
N HIS C 230 -6.25 -4.13 13.66
CA HIS C 230 -7.07 -3.78 12.52
C HIS C 230 -7.38 -4.89 11.52
N ILE C 231 -7.05 -6.13 11.80
CA ILE C 231 -7.44 -7.22 10.94
C ILE C 231 -7.58 -8.43 11.86
N GLU C 232 -8.45 -9.34 11.50
CA GLU C 232 -8.60 -10.57 12.27
C GLU C 232 -9.14 -11.66 11.38
N GLN C 233 -9.19 -12.86 11.91
CA GLN C 233 -9.64 -13.99 11.14
C GLN C 233 -10.47 -14.78 12.12
N LYS C 234 -11.77 -14.71 12.04
CA LYS C 234 -12.55 -15.46 13.02
C LYS C 234 -12.87 -16.89 12.58
N ALA C 235 -12.25 -17.77 13.40
CA ALA C 235 -12.26 -19.22 13.16
C ALA C 235 -11.52 -19.47 11.81
N GLY D 1 36.90 -16.79 6.80
CA GLY D 1 36.19 -15.72 6.04
C GLY D 1 35.11 -14.96 6.86
N ALA D 2 35.55 -14.47 8.01
CA ALA D 2 34.65 -13.85 8.95
C ALA D 2 34.30 -12.40 8.66
N GLN D 3 33.05 -12.07 8.86
CA GLN D 3 32.65 -10.69 8.75
C GLN D 3 32.52 -10.12 10.16
N VAL D 4 33.24 -9.06 10.43
CA VAL D 4 33.16 -8.43 11.73
C VAL D 4 32.46 -7.09 11.59
N SER D 5 31.41 -6.86 12.35
CA SER D 5 30.71 -5.59 12.25
C SER D 5 30.43 -5.00 13.60
N SER D 6 30.05 -3.74 13.64
CA SER D 6 29.81 -3.17 14.94
C SER D 6 28.34 -3.18 15.34
N GLN D 7 28.14 -3.27 16.64
CA GLN D 7 26.81 -3.20 17.21
C GLN D 7 26.46 -1.77 17.56
N LYS D 8 25.21 -1.32 17.47
CA LYS D 8 24.82 -0.02 17.97
C LYS D 8 24.43 -0.23 19.43
N VAL D 9 25.29 0.09 20.40
CA VAL D 9 24.91 -0.23 21.78
C VAL D 9 23.88 0.69 22.46
N GLY D 10 22.75 0.09 22.86
CA GLY D 10 21.72 0.83 23.62
C GLY D 10 22.00 0.97 25.14
N ALA D 11 21.59 0.03 26.02
CA ALA D 11 22.00 0.08 27.43
C ALA D 11 23.50 -0.34 27.52
N HIS D 12 24.32 0.44 28.20
CA HIS D 12 25.75 0.14 28.34
C HIS D 12 25.98 -0.37 29.74
N GLU D 13 26.73 -1.44 29.89
CA GLU D 13 27.03 -1.88 31.24
C GLU D 13 28.03 -0.89 31.85
N ASN D 14 28.13 -0.73 33.18
CA ASN D 14 29.27 0.00 33.76
C ASN D 14 30.68 -0.52 33.34
N SER D 15 31.09 -0.48 32.06
CA SER D 15 32.37 -1.04 31.61
C SER D 15 32.92 -0.41 30.34
N ASN D 16 34.23 -0.12 30.37
CA ASN D 16 34.97 0.52 29.25
C ASN D 16 36.43 -0.03 29.24
N ARG D 17 36.47 -1.35 29.44
CA ARG D 17 37.75 -2.07 29.36
C ARG D 17 37.33 -3.50 28.99
N ALA D 18 36.15 -3.53 28.31
CA ALA D 18 35.53 -4.81 27.99
C ALA D 18 34.16 -4.52 27.38
N TYR D 19 33.14 -3.99 28.10
CA TYR D 19 31.86 -3.88 27.35
C TYR D 19 31.66 -2.45 26.81
N GLY D 20 30.66 -1.77 27.40
CA GLY D 20 29.95 -0.62 26.86
C GLY D 20 30.59 0.29 25.81
N GLY D 21 31.87 0.63 26.03
CA GLY D 21 32.45 1.73 25.24
C GLY D 21 33.30 1.36 24.03
N SER D 22 34.54 0.86 24.24
CA SER D 22 35.41 0.46 23.13
C SER D 22 34.80 -0.47 22.05
N THR D 23 33.99 0.21 21.15
CA THR D 23 33.13 -0.34 20.06
C THR D 23 32.86 -1.83 20.15
N ILE D 24 31.62 -2.24 20.38
CA ILE D 24 31.46 -3.67 20.48
C ILE D 24 31.03 -4.23 19.15
N ASN D 25 31.87 -5.15 18.73
CA ASN D 25 31.66 -5.82 17.46
C ASN D 25 31.01 -7.19 17.56
N TYR D 26 30.56 -7.74 16.46
CA TYR D 26 30.06 -9.10 16.43
C TYR D 26 30.53 -9.76 15.15
N THR D 27 30.49 -11.08 15.14
CA THR D 27 31.07 -11.84 14.04
C THR D 27 30.09 -12.72 13.31
N THR D 28 30.18 -12.71 12.00
CA THR D 28 29.34 -13.59 11.20
C THR D 28 30.17 -14.39 10.22
N ILE D 29 29.90 -15.67 10.13
CA ILE D 29 30.52 -16.53 9.13
C ILE D 29 29.40 -17.28 8.42
N ASN D 30 29.32 -17.19 7.11
CA ASN D 30 28.30 -17.95 6.39
C ASN D 30 28.69 -19.39 6.20
N TYR D 31 27.82 -20.31 6.50
CA TYR D 31 28.15 -21.71 6.40
C TYR D 31 27.67 -22.35 5.11
N TYR D 32 26.89 -21.66 4.30
CA TYR D 32 26.31 -22.29 3.13
C TYR D 32 26.66 -21.65 1.81
N ARG D 33 26.73 -22.43 0.74
CA ARG D 33 26.97 -21.85 -0.57
C ARG D 33 25.81 -21.00 -1.10
N ASP D 34 24.57 -21.36 -0.80
CA ASP D 34 23.44 -20.59 -1.28
C ASP D 34 23.20 -19.35 -0.44
N SER D 35 23.15 -18.20 -1.05
CA SER D 35 22.94 -16.99 -0.26
C SER D 35 21.56 -16.91 0.38
N ALA D 36 20.57 -17.62 -0.17
CA ALA D 36 19.27 -17.71 0.48
C ALA D 36 19.36 -18.33 1.88
N SER D 37 20.38 -19.12 2.14
CA SER D 37 20.59 -19.68 3.45
C SER D 37 21.08 -18.68 4.48
N ASN D 38 21.62 -17.55 4.04
CA ASN D 38 22.14 -16.57 4.97
C ASN D 38 21.14 -15.94 5.91
N ALA D 39 21.59 -15.61 7.10
CA ALA D 39 20.77 -14.78 7.96
C ALA D 39 20.58 -13.37 7.37
N ALA D 40 19.70 -12.54 7.87
CA ALA D 40 19.56 -11.18 7.37
C ALA D 40 20.64 -10.31 7.99
N SER D 41 21.33 -9.43 7.29
CA SER D 41 22.34 -8.64 8.01
C SER D 41 21.76 -7.47 8.79
N LYS D 42 20.60 -6.99 8.37
CA LYS D 42 19.92 -5.81 8.93
C LYS D 42 20.70 -4.50 8.77
N GLN D 43 21.80 -4.51 8.02
CA GLN D 43 22.59 -3.30 7.76
C GLN D 43 21.91 -2.62 6.58
N ASP D 44 20.78 -1.95 6.81
CA ASP D 44 19.99 -1.49 5.67
C ASP D 44 20.02 -0.01 5.36
N PHE D 45 19.68 0.37 4.15
CA PHE D 45 19.71 1.77 3.78
C PHE D 45 18.39 2.49 3.83
N SER D 46 18.47 3.78 4.02
CA SER D 46 17.28 4.60 3.96
C SER D 46 17.31 5.39 2.67
N GLN D 47 16.21 6.04 2.33
CA GLN D 47 16.18 6.92 1.17
C GLN D 47 15.23 8.08 1.46
N ASP D 48 15.38 9.10 0.66
CA ASP D 48 14.48 10.23 0.66
C ASP D 48 13.07 9.80 0.19
N PRO D 49 11.96 10.24 0.79
CA PRO D 49 10.61 9.79 0.49
C PRO D 49 10.06 10.51 -0.76
N SER D 50 10.82 11.42 -1.37
CA SER D 50 10.33 12.25 -2.46
C SER D 50 9.62 11.67 -3.62
N LYS D 51 9.93 10.42 -3.97
CA LYS D 51 9.22 9.83 -5.06
C LYS D 51 7.75 9.61 -4.72
N PHE D 52 7.39 9.62 -3.44
CA PHE D 52 6.01 9.52 -2.99
C PHE D 52 5.47 10.84 -2.45
N THR D 53 6.31 11.60 -1.72
CA THR D 53 5.85 12.83 -1.11
C THR D 53 5.91 14.04 -2.01
N GLU D 54 6.80 14.04 -2.99
CA GLU D 54 6.91 15.19 -3.89
C GLU D 54 7.07 14.77 -5.35
N PRO D 55 6.17 14.01 -5.98
CA PRO D 55 6.39 13.43 -7.30
C PRO D 55 6.07 14.51 -8.34
N ILE D 56 6.26 15.79 -8.10
CA ILE D 56 5.87 16.80 -9.06
C ILE D 56 7.02 17.07 -10.02
N LYS D 57 6.72 17.45 -11.25
CA LYS D 57 7.76 17.68 -12.23
C LYS D 57 8.64 18.88 -11.90
N ASP D 58 8.07 20.01 -11.53
CA ASP D 58 8.88 21.16 -11.13
C ASP D 58 9.05 21.21 -9.64
N VAL D 59 10.30 21.09 -9.21
CA VAL D 59 10.78 21.17 -7.82
C VAL D 59 10.01 22.01 -6.83
N LEU D 60 9.73 21.43 -5.67
CA LEU D 60 9.02 22.18 -4.65
C LEU D 60 9.98 22.96 -3.73
N ILE D 61 9.85 24.26 -3.68
CA ILE D 61 10.60 25.07 -2.72
C ILE D 61 9.63 25.45 -1.60
N LYS D 62 9.70 24.86 -0.41
CA LYS D 62 8.64 25.07 0.58
C LYS D 62 8.39 26.49 1.02
N THR D 63 9.38 27.39 1.01
CA THR D 63 9.09 28.76 1.40
C THR D 63 8.35 29.54 0.34
N ALA D 64 8.29 29.02 -0.87
CA ALA D 64 7.61 29.69 -1.97
C ALA D 64 6.15 29.28 -2.12
N PRO D 65 5.30 30.02 -2.84
CA PRO D 65 3.95 29.57 -3.17
C PRO D 65 4.05 28.28 -3.97
N MET D 66 3.30 27.26 -3.63
CA MET D 66 3.24 26.05 -4.45
C MET D 66 2.67 26.37 -5.83
N LEU D 67 1.71 27.28 -5.89
CA LEU D 67 1.16 27.65 -7.19
C LEU D 67 1.54 29.05 -7.57
N ASN D 68 2.28 29.06 -8.67
CA ASN D 68 2.75 30.32 -9.20
C ASN D 68 2.96 30.36 -10.70
C1 PLM E . 2.95 -14.52 -4.19
O1 PLM E . 1.86 -13.95 -3.90
O2 PLM E . 3.49 -14.32 -5.30
C2 PLM E . 3.59 -15.53 -3.21
C3 PLM E . 4.81 -15.09 -2.37
C4 PLM E . 5.37 -16.29 -1.53
C5 PLM E . 5.86 -17.39 -2.47
C6 PLM E . 6.36 -18.67 -1.78
C7 PLM E . 7.10 -19.53 -2.84
C8 PLM E . 7.21 -20.99 -2.35
C9 PLM E . 8.28 -21.80 -3.07
CA PLM E . 8.42 -23.25 -2.53
CB PLM E . 8.98 -23.47 -1.12
CC PLM E . 9.31 -24.95 -0.93
CD PLM E . 9.62 -25.42 0.49
CE PLM E . 10.20 -26.84 0.47
CF PLM E . 10.28 -27.52 1.84
CG PLM E . 10.84 -28.99 1.81
C1 MYR F . 37.00 -17.40 7.02
O1 MYR F . 35.99 -18.03 6.87
C2 MYR F . 38.26 -17.96 7.61
C3 MYR F . 38.32 -17.91 9.21
C4 MYR F . 37.81 -19.27 9.60
C5 MYR F . 37.40 -19.11 11.02
C6 MYR F . 36.85 -20.39 11.63
C7 MYR F . 35.67 -20.99 10.87
C8 MYR F . 34.68 -21.61 11.87
C9 MYR F . 34.04 -22.89 11.32
C10 MYR F . 33.35 -22.71 9.96
C11 MYR F . 33.17 -24.12 9.38
C12 MYR F . 32.72 -24.21 7.92
C13 MYR F . 31.21 -24.02 7.81
C14 MYR F . 30.62 -24.86 6.66
#